data_4U5T
# 
_entry.id   4U5T 
# 
_audit_conform.dict_name       mmcif_pdbx.dic 
_audit_conform.dict_version    5.397 
_audit_conform.dict_location   http://mmcif.pdb.org/dictionaries/ascii/mmcif_pdbx.dic 
# 
loop_
_database_2.database_id 
_database_2.database_code 
_database_2.pdbx_database_accession 
_database_2.pdbx_DOI 
PDB   4U5T         pdb_00004u5t 10.2210/pdb4u5t/pdb 
WWPDB D_1000202832 ?            ?                   
# 
loop_
_pdbx_audit_revision_history.ordinal 
_pdbx_audit_revision_history.data_content_type 
_pdbx_audit_revision_history.major_revision 
_pdbx_audit_revision_history.minor_revision 
_pdbx_audit_revision_history.revision_date 
1 'Structure model' 1 0 2014-08-06 
2 'Structure model' 1 1 2017-11-22 
3 'Structure model' 1 2 2023-08-30 
4 'Structure model' 1 3 2024-10-16 
# 
_pdbx_audit_revision_details.ordinal             1 
_pdbx_audit_revision_details.revision_ordinal    1 
_pdbx_audit_revision_details.data_content_type   'Structure model' 
_pdbx_audit_revision_details.provider            repository 
_pdbx_audit_revision_details.type                'Initial release' 
_pdbx_audit_revision_details.description         ? 
_pdbx_audit_revision_details.details             ? 
# 
loop_
_pdbx_audit_revision_group.ordinal 
_pdbx_audit_revision_group.revision_ordinal 
_pdbx_audit_revision_group.data_content_type 
_pdbx_audit_revision_group.group 
1 2 'Structure model' 'Derived calculations'   
2 2 'Structure model' Other                    
3 2 'Structure model' 'Refinement description' 
4 2 'Structure model' 'Source and taxonomy'    
5 3 'Structure model' 'Data collection'        
6 3 'Structure model' 'Database references'    
7 3 'Structure model' 'Refinement description' 
8 3 'Structure model' 'Structure summary'      
9 4 'Structure model' 'Structure summary'      
# 
loop_
_pdbx_audit_revision_category.ordinal 
_pdbx_audit_revision_category.revision_ordinal 
_pdbx_audit_revision_category.data_content_type 
_pdbx_audit_revision_category.category 
1  2 'Structure model' pdbx_database_status      
2  2 'Structure model' pdbx_entity_src_syn       
3  2 'Structure model' pdbx_struct_oper_list     
4  2 'Structure model' software                  
5  3 'Structure model' audit_author              
6  3 'Structure model' chem_comp_atom            
7  3 'Structure model' chem_comp_bond            
8  3 'Structure model' citation_author           
9  3 'Structure model' database_2                
10 3 'Structure model' refine_hist               
11 4 'Structure model' pdbx_entry_details        
12 4 'Structure model' pdbx_modification_feature 
# 
loop_
_pdbx_audit_revision_item.ordinal 
_pdbx_audit_revision_item.revision_ordinal 
_pdbx_audit_revision_item.data_content_type 
_pdbx_audit_revision_item.item 
1 2 'Structure model' '_pdbx_database_status.pdb_format_compatible' 
2 2 'Structure model' '_pdbx_entity_src_syn.pdbx_alt_source_flag'   
3 2 'Structure model' '_pdbx_struct_oper_list.symmetry_operation'   
4 3 'Structure model' '_audit_author.identifier_ORCID'              
5 3 'Structure model' '_citation_author.identifier_ORCID'           
6 3 'Structure model' '_database_2.pdbx_DOI'                        
7 3 'Structure model' '_database_2.pdbx_database_accession'         
# 
_pdbx_database_status.status_code                     REL 
_pdbx_database_status.status_code_sf                  REL 
_pdbx_database_status.status_code_mr                  ? 
_pdbx_database_status.entry_id                        4U5T 
_pdbx_database_status.recvd_initial_deposition_date   2014-07-25 
_pdbx_database_status.SG_entry                        N 
_pdbx_database_status.deposit_site                    RCSB 
_pdbx_database_status.process_site                    RCSB 
_pdbx_database_status.status_code_cs                  ? 
_pdbx_database_status.methods_development_category    ? 
_pdbx_database_status.pdb_format_compatible           Y 
_pdbx_database_status.status_code_nmr_data            ? 
# 
loop_
_audit_author.name 
_audit_author.pdbx_ordinal 
_audit_author.identifier_ORCID 
'Stagno, J.R.' 1 ?                   
'Ji, X.'       2 0000-0001-6942-1514 
# 
_citation.abstract                  ? 
_citation.abstract_id_CAS           ? 
_citation.book_id_ISBN              ? 
_citation.book_publisher            ? 
_citation.book_publisher_city       ? 
_citation.book_title                ? 
_citation.coordinate_linkage        ? 
_citation.country                   US 
_citation.database_id_Medline       ? 
_citation.details                   ? 
_citation.id                        primary 
_citation.journal_abbrev            Mol.Pharmacol. 
_citation.journal_id_ASTM           MOPMA3 
_citation.journal_id_CSD            0197 
_citation.journal_id_ISSN           1521-0111 
_citation.journal_full              ? 
_citation.journal_issue             ? 
_citation.journal_volume            82 
_citation.language                  ? 
_citation.page_first                814 
_citation.page_last                 823 
_citation.title                     
'P6981, an arylstibonic acid, is a novel low nanomolar inhibitor of cAMP response element-binding protein binding to DNA.' 
_citation.year                      2012 
_citation.database_id_CSD           ? 
_citation.pdbx_database_id_DOI      10.1124/mol.112.080820 
_citation.pdbx_database_id_PubMed   22851716 
_citation.unpublished_flag          ? 
# 
loop_
_citation_author.citation_id 
_citation_author.name 
_citation_author.ordinal 
_citation_author.identifier_ORCID 
primary 'Zhao, J.'        1  ?                   
primary 'Stagno, J.R.'    2  ?                   
primary 'Varticovski, L.' 3  ?                   
primary 'Nimako, E.'      4  ?                   
primary 'Rishi, V.'       5  ?                   
primary 'McKinnon, K.'    6  ?                   
primary 'Akee, R.'        7  ?                   
primary 'Shoemaker, R.H.' 8  ?                   
primary 'Ji, X.'          9  0000-0001-6942-1514 
primary 'Vinson, C.'      10 ?                   
# 
loop_
_entity.id 
_entity.type 
_entity.src_method 
_entity.pdbx_description 
_entity.formula_weight 
_entity.pdbx_number_of_molecules 
_entity.pdbx_ec 
_entity.pdbx_mutation 
_entity.pdbx_fragment 
_entity.details 
1 polymer     syn 'VBP leucine zipper'                                                      4508.186 2 ? ? ? ? 
2 non-polymer syn '(2Z)-3-{3-[dihydroxy(oxido)-lambda~5~-stibanyl]phenyl}prop-2-enoic acid' 318.925  1 ? ? ? ? 
3 water       nat water                                                                     18.015   5 ? ? ? ? 
# 
_entity_poly.entity_id                      1 
_entity_poly.type                           'polypeptide(L)' 
_entity_poly.nstd_linkage                   no 
_entity_poly.nstd_monomer                   no 
_entity_poly.pdbx_seq_one_letter_code       RDPDLEIRAAFLEKENTALRTEVAELRKEVGRCKNIVSK 
_entity_poly.pdbx_seq_one_letter_code_can   RDPDLEIRAAFLEKENTALRTEVAELRKEVGRCKNIVSK 
_entity_poly.pdbx_strand_id                 A,B 
_entity_poly.pdbx_target_identifier         ? 
# 
loop_
_pdbx_entity_nonpoly.entity_id 
_pdbx_entity_nonpoly.name 
_pdbx_entity_nonpoly.comp_id 
2 '(2Z)-3-{3-[dihydroxy(oxido)-lambda~5~-stibanyl]phenyl}prop-2-enoic acid' 3CG 
3 water                                                                     HOH 
# 
loop_
_entity_poly_seq.entity_id 
_entity_poly_seq.num 
_entity_poly_seq.mon_id 
_entity_poly_seq.hetero 
1 1  ARG n 
1 2  ASP n 
1 3  PRO n 
1 4  ASP n 
1 5  LEU n 
1 6  GLU n 
1 7  ILE n 
1 8  ARG n 
1 9  ALA n 
1 10 ALA n 
1 11 PHE n 
1 12 LEU n 
1 13 GLU n 
1 14 LYS n 
1 15 GLU n 
1 16 ASN n 
1 17 THR n 
1 18 ALA n 
1 19 LEU n 
1 20 ARG n 
1 21 THR n 
1 22 GLU n 
1 23 VAL n 
1 24 ALA n 
1 25 GLU n 
1 26 LEU n 
1 27 ARG n 
1 28 LYS n 
1 29 GLU n 
1 30 VAL n 
1 31 GLY n 
1 32 ARG n 
1 33 CYS n 
1 34 LYS n 
1 35 ASN n 
1 36 ILE n 
1 37 VAL n 
1 38 SER n 
1 39 LYS n 
# 
_pdbx_entity_src_syn.entity_id              1 
_pdbx_entity_src_syn.pdbx_src_id            1 
_pdbx_entity_src_syn.pdbx_alt_source_flag   sample 
_pdbx_entity_src_syn.pdbx_beg_seq_num       1 
_pdbx_entity_src_syn.pdbx_end_seq_num       39 
_pdbx_entity_src_syn.organism_scientific    'Homo sapiens' 
_pdbx_entity_src_syn.organism_common_name   Human 
_pdbx_entity_src_syn.ncbi_taxonomy_id       9606 
_pdbx_entity_src_syn.details                ? 
# 
loop_
_chem_comp.id 
_chem_comp.type 
_chem_comp.mon_nstd_flag 
_chem_comp.name 
_chem_comp.pdbx_synonyms 
_chem_comp.formula 
_chem_comp.formula_weight 
3CG non-polymer         . '(2Z)-3-{3-[dihydroxy(oxido)-lambda~5~-stibanyl]phenyl}prop-2-enoic acid' ? 'C9 H9 O5 Sb'    318.925 
ALA 'L-peptide linking' y ALANINE                                                                   ? 'C3 H7 N O2'     89.093  
ARG 'L-peptide linking' y ARGININE                                                                  ? 'C6 H15 N4 O2 1' 175.209 
ASN 'L-peptide linking' y ASPARAGINE                                                                ? 'C4 H8 N2 O3'    132.118 
ASP 'L-peptide linking' y 'ASPARTIC ACID'                                                           ? 'C4 H7 N O4'     133.103 
CYS 'L-peptide linking' y CYSTEINE                                                                  ? 'C3 H7 N O2 S'   121.158 
GLU 'L-peptide linking' y 'GLUTAMIC ACID'                                                           ? 'C5 H9 N O4'     147.129 
GLY 'peptide linking'   y GLYCINE                                                                   ? 'C2 H5 N O2'     75.067  
HOH non-polymer         . WATER                                                                     ? 'H2 O'           18.015  
ILE 'L-peptide linking' y ISOLEUCINE                                                                ? 'C6 H13 N O2'    131.173 
LEU 'L-peptide linking' y LEUCINE                                                                   ? 'C6 H13 N O2'    131.173 
LYS 'L-peptide linking' y LYSINE                                                                    ? 'C6 H15 N2 O2 1' 147.195 
PHE 'L-peptide linking' y PHENYLALANINE                                                             ? 'C9 H11 N O2'    165.189 
PRO 'L-peptide linking' y PROLINE                                                                   ? 'C5 H9 N O2'     115.130 
SER 'L-peptide linking' y SERINE                                                                    ? 'C3 H7 N O3'     105.093 
THR 'L-peptide linking' y THREONINE                                                                 ? 'C4 H9 N O3'     119.119 
VAL 'L-peptide linking' y VALINE                                                                    ? 'C5 H11 N O2'    117.146 
# 
loop_
_pdbx_poly_seq_scheme.asym_id 
_pdbx_poly_seq_scheme.entity_id 
_pdbx_poly_seq_scheme.seq_id 
_pdbx_poly_seq_scheme.mon_id 
_pdbx_poly_seq_scheme.ndb_seq_num 
_pdbx_poly_seq_scheme.pdb_seq_num 
_pdbx_poly_seq_scheme.auth_seq_num 
_pdbx_poly_seq_scheme.pdb_mon_id 
_pdbx_poly_seq_scheme.auth_mon_id 
_pdbx_poly_seq_scheme.pdb_strand_id 
_pdbx_poly_seq_scheme.pdb_ins_code 
_pdbx_poly_seq_scheme.hetero 
A 1 1  ARG 1  1  ?  ?   ?   A . n 
A 1 2  ASP 2  2  2  ASP ASP A . n 
A 1 3  PRO 3  3  3  PRO PRO A . n 
A 1 4  ASP 4  4  4  ASP ASP A . n 
A 1 5  LEU 5  5  5  LEU LEU A . n 
A 1 6  GLU 6  6  6  GLU GLU A . n 
A 1 7  ILE 7  7  7  ILE ILE A . n 
A 1 8  ARG 8  8  8  ARG ARG A . n 
A 1 9  ALA 9  9  9  ALA ALA A . n 
A 1 10 ALA 10 10 10 ALA ALA A . n 
A 1 11 PHE 11 11 11 PHE PHE A . n 
A 1 12 LEU 12 12 12 LEU LEU A . n 
A 1 13 GLU 13 13 13 GLU GLU A . n 
A 1 14 LYS 14 14 14 LYS LYS A . n 
A 1 15 GLU 15 15 15 GLU GLU A . n 
A 1 16 ASN 16 16 16 ASN ASN A . n 
A 1 17 THR 17 17 17 THR THR A . n 
A 1 18 ALA 18 18 18 ALA ALA A . n 
A 1 19 LEU 19 19 19 LEU LEU A . n 
A 1 20 ARG 20 20 20 ARG ARG A . n 
A 1 21 THR 21 21 21 THR THR A . n 
A 1 22 GLU 22 22 22 GLU GLU A . n 
A 1 23 VAL 23 23 23 VAL VAL A . n 
A 1 24 ALA 24 24 24 ALA ALA A . n 
A 1 25 GLU 25 25 25 GLU GLU A . n 
A 1 26 LEU 26 26 26 LEU LEU A . n 
A 1 27 ARG 27 27 27 ARG ARG A . n 
A 1 28 LYS 28 28 28 LYS LYS A . n 
A 1 29 GLU 29 29 29 GLU GLU A . n 
A 1 30 VAL 30 30 30 VAL VAL A . n 
A 1 31 GLY 31 31 31 GLY GLY A . n 
A 1 32 ARG 32 32 32 ARG ARG A . n 
A 1 33 CYS 33 33 33 CYS CYS A . n 
A 1 34 LYS 34 34 34 LYS LYS A . n 
A 1 35 ASN 35 35 35 ASN ASN A . n 
A 1 36 ILE 36 36 36 ILE ILE A . n 
A 1 37 VAL 37 37 37 VAL VAL A . n 
A 1 38 SER 38 38 38 SER SER A . n 
A 1 39 LYS 39 39 ?  ?   ?   A . n 
B 1 1  ARG 1  1  ?  ?   ?   B . n 
B 1 2  ASP 2  2  2  ASP ASP B . n 
B 1 3  PRO 3  3  3  PRO PRO B . n 
B 1 4  ASP 4  4  4  ASP ASP B . n 
B 1 5  LEU 5  5  5  LEU LEU B . n 
B 1 6  GLU 6  6  6  GLU GLU B . n 
B 1 7  ILE 7  7  7  ILE ILE B . n 
B 1 8  ARG 8  8  8  ARG ARG B . n 
B 1 9  ALA 9  9  9  ALA ALA B . n 
B 1 10 ALA 10 10 10 ALA ALA B . n 
B 1 11 PHE 11 11 11 PHE PHE B . n 
B 1 12 LEU 12 12 12 LEU LEU B . n 
B 1 13 GLU 13 13 13 GLU GLU B . n 
B 1 14 LYS 14 14 14 LYS LYS B . n 
B 1 15 GLU 15 15 15 GLU GLU B . n 
B 1 16 ASN 16 16 16 ASN ASN B . n 
B 1 17 THR 17 17 17 THR THR B . n 
B 1 18 ALA 18 18 18 ALA ALA B . n 
B 1 19 LEU 19 19 19 LEU LEU B . n 
B 1 20 ARG 20 20 20 ARG ARG B . n 
B 1 21 THR 21 21 21 THR THR B . n 
B 1 22 GLU 22 22 22 GLU GLU B . n 
B 1 23 VAL 23 23 23 VAL VAL B . n 
B 1 24 ALA 24 24 24 ALA ALA B . n 
B 1 25 GLU 25 25 25 GLU GLU B . n 
B 1 26 LEU 26 26 26 LEU LEU B . n 
B 1 27 ARG 27 27 27 ARG ARG B . n 
B 1 28 LYS 28 28 28 LYS LYS B . n 
B 1 29 GLU 29 29 29 GLU GLU B . n 
B 1 30 VAL 30 30 30 VAL VAL B . n 
B 1 31 GLY 31 31 31 GLY GLY B . n 
B 1 32 ARG 32 32 32 ARG ARG B . n 
B 1 33 CYS 33 33 33 CYS CYS B . n 
B 1 34 LYS 34 34 34 LYS LYS B . n 
B 1 35 ASN 35 35 35 ASN ASN B . n 
B 1 36 ILE 36 36 36 ILE ILE B . n 
B 1 37 VAL 37 37 37 VAL VAL B . n 
B 1 38 SER 38 38 38 SER SER B . n 
B 1 39 LYS 39 39 ?  ?   ?   B . n 
# 
loop_
_pdbx_nonpoly_scheme.asym_id 
_pdbx_nonpoly_scheme.entity_id 
_pdbx_nonpoly_scheme.mon_id 
_pdbx_nonpoly_scheme.ndb_seq_num 
_pdbx_nonpoly_scheme.pdb_seq_num 
_pdbx_nonpoly_scheme.auth_seq_num 
_pdbx_nonpoly_scheme.pdb_mon_id 
_pdbx_nonpoly_scheme.auth_mon_id 
_pdbx_nonpoly_scheme.pdb_strand_id 
_pdbx_nonpoly_scheme.pdb_ins_code 
C 2 3CG 1 101 1 3CG NSC A . 
D 3 HOH 1 201 1 HOH HOH A . 
D 3 HOH 2 202 2 HOH HOH A . 
D 3 HOH 3 203 3 HOH HOH A . 
D 3 HOH 4 204 4 HOH HOH A . 
D 3 HOH 5 205 5 HOH HOH A . 
# 
loop_
_software.citation_id 
_software.classification 
_software.compiler_name 
_software.compiler_version 
_software.contact_author 
_software.contact_author_email 
_software.date 
_software.description 
_software.dependencies 
_software.hardware 
_software.language 
_software.location 
_software.mods 
_software.name 
_software.os 
_software.os_version 
_software.type 
_software.version 
_software.pdbx_ordinal 
? refinement        ? ? ? ? ? ? ? ? ? ? ? PHENIX      ? ? ? '(phenix.refine: 1.7.3_928)' 1 
? 'data reduction'  ? ? ? ? ? ? ? ? ? ? ? XDS         ? ? ? .                            2 
? 'data extraction' ? ? ? ? ? ? ? ? ? ? ? PDB_EXTRACT ? ? ? 3.14                         3 
? phasing           ? ? ? ? ? ? ? ? ? ? ? PHASER      ? ? ? .                            4 
# 
_cell.entry_id           4U5T 
_cell.length_a           68.840 
_cell.length_b           68.840 
_cell.length_c           77.230 
_cell.angle_alpha        90.00 
_cell.angle_beta         90.00 
_cell.angle_gamma        120.00 
_cell.Z_PDB              12 
_cell.pdbx_unique_axis   ? 
# 
_symmetry.entry_id                         4U5T 
_symmetry.space_group_name_H-M             'P 61' 
_symmetry.pdbx_full_space_group_name_H-M   ? 
_symmetry.cell_setting                     ? 
_symmetry.Int_Tables_number                169 
# 
_exptl.absorpt_coefficient_mu     ? 
_exptl.absorpt_correction_T_max   ? 
_exptl.absorpt_correction_T_min   ? 
_exptl.absorpt_correction_type    ? 
_exptl.absorpt_process_details    ? 
_exptl.entry_id                   4U5T 
_exptl.crystals_number            1 
_exptl.details                    ? 
_exptl.method                     'X-RAY DIFFRACTION' 
_exptl.method_details             ? 
# 
_exptl_crystal.colour                      ? 
_exptl_crystal.density_diffrn              ? 
_exptl_crystal.density_Matthews            5.86 
_exptl_crystal.density_method              ? 
_exptl_crystal.density_percent_sol         79.01 
_exptl_crystal.description                 ? 
_exptl_crystal.F_000                       ? 
_exptl_crystal.id                          1 
_exptl_crystal.preparation                 ? 
_exptl_crystal.size_max                    ? 
_exptl_crystal.size_mid                    ? 
_exptl_crystal.size_min                    ? 
_exptl_crystal.size_rad                    ? 
_exptl_crystal.colour_lustre               ? 
_exptl_crystal.colour_modifier             ? 
_exptl_crystal.colour_primary              ? 
_exptl_crystal.density_meas                ? 
_exptl_crystal.density_meas_esd            ? 
_exptl_crystal.density_meas_gt             ? 
_exptl_crystal.density_meas_lt             ? 
_exptl_crystal.density_meas_temp           ? 
_exptl_crystal.density_meas_temp_esd       ? 
_exptl_crystal.density_meas_temp_gt        ? 
_exptl_crystal.density_meas_temp_lt        ? 
_exptl_crystal.pdbx_crystal_image_url      ? 
_exptl_crystal.pdbx_crystal_image_format   ? 
_exptl_crystal.pdbx_mosaicity              ? 
_exptl_crystal.pdbx_mosaicity_esd          ? 
# 
_exptl_crystal_grow.apparatus       ? 
_exptl_crystal_grow.atmosphere      ? 
_exptl_crystal_grow.crystal_id      1 
_exptl_crystal_grow.details         ? 
_exptl_crystal_grow.method          'VAPOR DIFFUSION, SITTING DROP' 
_exptl_crystal_grow.method_ref      ? 
_exptl_crystal_grow.pH              7.5 
_exptl_crystal_grow.pressure        ? 
_exptl_crystal_grow.pressure_esd    ? 
_exptl_crystal_grow.seeding         ? 
_exptl_crystal_grow.seeding_ref     ? 
_exptl_crystal_grow.temp            295 
_exptl_crystal_grow.temp_details    ? 
_exptl_crystal_grow.temp_esd        ? 
_exptl_crystal_grow.time            ? 
_exptl_crystal_grow.pdbx_details    '0.2M ammonium phos., 20% PEG3350, 3% trimethylamine N-oxide' 
_exptl_crystal_grow.pdbx_pH_range   ? 
# 
_diffrn.ambient_environment    ? 
_diffrn.ambient_temp           100 
_diffrn.ambient_temp_details   ? 
_diffrn.ambient_temp_esd       ? 
_diffrn.crystal_id             1 
_diffrn.crystal_support        ? 
_diffrn.crystal_treatment      ? 
_diffrn.details                ? 
_diffrn.id                     1 
_diffrn.ambient_pressure       ? 
_diffrn.ambient_pressure_esd   ? 
_diffrn.ambient_pressure_gt    ? 
_diffrn.ambient_pressure_lt    ? 
_diffrn.ambient_temp_gt        ? 
_diffrn.ambient_temp_lt        ? 
# 
_diffrn_detector.details                      ? 
_diffrn_detector.detector                     CCD 
_diffrn_detector.diffrn_id                    1 
_diffrn_detector.type                         'ADSC QUANTUM 315r' 
_diffrn_detector.area_resol_mean              ? 
_diffrn_detector.dtime                        ? 
_diffrn_detector.pdbx_frames_total            ? 
_diffrn_detector.pdbx_collection_time_total   ? 
_diffrn_detector.pdbx_collection_date         2011-06-19 
# 
_diffrn_radiation.collimation                      ? 
_diffrn_radiation.diffrn_id                        1 
_diffrn_radiation.filter_edge                      ? 
_diffrn_radiation.inhomogeneity                    ? 
_diffrn_radiation.monochromator                    ? 
_diffrn_radiation.polarisn_norm                    ? 
_diffrn_radiation.polarisn_ratio                   ? 
_diffrn_radiation.probe                            ? 
_diffrn_radiation.type                             ? 
_diffrn_radiation.xray_symbol                      ? 
_diffrn_radiation.wavelength_id                    1 
_diffrn_radiation.pdbx_monochromatic_or_laue_m_l   M 
_diffrn_radiation.pdbx_wavelength_list             ? 
_diffrn_radiation.pdbx_wavelength                  ? 
_diffrn_radiation.pdbx_diffrn_protocol             'SINGLE WAVELENGTH' 
_diffrn_radiation.pdbx_analyzer                    ? 
_diffrn_radiation.pdbx_scattering_type             x-ray 
# 
_diffrn_radiation_wavelength.id           1 
_diffrn_radiation_wavelength.wavelength   1.00 
_diffrn_radiation_wavelength.wt           1.0 
# 
_diffrn_source.current                     ? 
_diffrn_source.details                     ? 
_diffrn_source.diffrn_id                   1 
_diffrn_source.power                       ? 
_diffrn_source.size                        ? 
_diffrn_source.source                      SYNCHROTRON 
_diffrn_source.target                      ? 
_diffrn_source.type                        'SSRL BEAMLINE BL7-1' 
_diffrn_source.voltage                     ? 
_diffrn_source.take-off_angle              ? 
_diffrn_source.pdbx_wavelength_list        1.00 
_diffrn_source.pdbx_wavelength             ? 
_diffrn_source.pdbx_synchrotron_beamline   BL7-1 
_diffrn_source.pdbx_synchrotron_site       SSRL 
# 
_reflns.B_iso_Wilson_estimate            59.890 
_reflns.entry_id                         4U5T 
_reflns.data_reduction_details           ? 
_reflns.data_reduction_method            ? 
_reflns.d_resolution_high                3.300 
_reflns.d_resolution_low                 34.42 
_reflns.details                          ? 
_reflns.limit_h_max                      ? 
_reflns.limit_h_min                      ? 
_reflns.limit_k_max                      ? 
_reflns.limit_k_min                      ? 
_reflns.limit_l_max                      ? 
_reflns.limit_l_min                      ? 
_reflns.number_all                       ? 
_reflns.number_obs                       3054 
_reflns.observed_criterion               ? 
_reflns.observed_criterion_F_max         ? 
_reflns.observed_criterion_F_min         ? 
_reflns.observed_criterion_I_max         ? 
_reflns.observed_criterion_I_min         ? 
_reflns.observed_criterion_sigma_F       ? 
_reflns.observed_criterion_sigma_I       -3.000 
_reflns.percent_possible_obs             96.300 
_reflns.R_free_details                   ? 
_reflns.Rmerge_F_all                     ? 
_reflns.Rmerge_F_obs                     0.177 
_reflns.Friedel_coverage                 ? 
_reflns.number_gt                        ? 
_reflns.threshold_expression             ? 
_reflns.pdbx_redundancy                  4.0 
_reflns.pdbx_Rmerge_I_obs                0.115 
_reflns.pdbx_Rmerge_I_all                ? 
_reflns.pdbx_Rsym_value                  ? 
_reflns.pdbx_netI_over_av_sigmaI         ? 
_reflns.pdbx_netI_over_sigmaI            14.860 
_reflns.pdbx_res_netI_over_av_sigmaI_2   ? 
_reflns.pdbx_res_netI_over_sigmaI_2      ? 
_reflns.pdbx_chi_squared                 0.923 
_reflns.pdbx_scaling_rejects             ? 
_reflns.pdbx_d_res_high_opt              ? 
_reflns.pdbx_d_res_low_opt               ? 
_reflns.pdbx_d_res_opt_method            ? 
_reflns.phase_calculation_details        ? 
_reflns.pdbx_Rrim_I_all                  0.133 
_reflns.pdbx_Rpim_I_all                  ? 
_reflns.pdbx_d_opt                       ? 
_reflns.pdbx_number_measured_all         12301 
_reflns.pdbx_diffrn_id                   1 
_reflns.pdbx_ordinal                     1 
_reflns.pdbx_CC_half                     ? 
_reflns.pdbx_R_split                     ? 
# 
loop_
_reflns_shell.d_res_high 
_reflns_shell.d_res_low 
_reflns_shell.meanI_over_sigI_all 
_reflns_shell.meanI_over_sigI_obs 
_reflns_shell.number_measured_all 
_reflns_shell.number_measured_obs 
_reflns_shell.number_possible 
_reflns_shell.number_unique_all 
_reflns_shell.number_unique_obs 
_reflns_shell.percent_possible_all 
_reflns_shell.percent_possible_obs 
_reflns_shell.Rmerge_F_all 
_reflns_shell.Rmerge_F_obs 
_reflns_shell.Rmerge_I_all 
_reflns_shell.Rmerge_I_obs 
_reflns_shell.meanI_over_sigI_gt 
_reflns_shell.meanI_over_uI_all 
_reflns_shell.meanI_over_uI_gt 
_reflns_shell.number_measured_gt 
_reflns_shell.number_unique_gt 
_reflns_shell.percent_possible_gt 
_reflns_shell.Rmerge_F_gt 
_reflns_shell.Rmerge_I_gt 
_reflns_shell.pdbx_redundancy 
_reflns_shell.pdbx_Rsym_value 
_reflns_shell.pdbx_chi_squared 
_reflns_shell.pdbx_netI_over_sigmaI_all 
_reflns_shell.pdbx_netI_over_sigmaI_obs 
_reflns_shell.pdbx_Rrim_I_all 
_reflns_shell.pdbx_Rpim_I_all 
_reflns_shell.pdbx_rejects 
_reflns_shell.pdbx_ordinal 
_reflns_shell.pdbx_diffrn_id 
_reflns_shell.pdbx_CC_half 
_reflns_shell.pdbx_R_split 
3.300  3.400  ? 3.510  ? 940  257 ? 238 92.600 ? ? 0.623 ? 0.495 ? ? ? ? ? ? ? ? ? ? ? ? ? 0.573 ? 0 1 1 ? ? 
3.400  3.500  ? 4.700  ? 953  241 ? 231 95.900 ? ? 0.536 ? 0.405 ? ? ? ? ? ? ? ? ? ? ? ? ? 0.465 ? 0 2 1 ? ? 
3.500  4.000  ? 8.280  ? 3448 879 ? 851 96.800 ? ? 0.246 ? 0.215 ? ? ? ? ? ? ? ? ? ? ? ? ? 0.248 ? 0 3 1 ? ? 
4.000  4.500  ? 14.170 ? 2093 531 ? 519 97.700 ? ? 0.140 ? 0.114 ? ? ? ? ? ? ? ? ? ? ? ? ? 0.132 ? 0 4 1 ? ? 
4.500  5.000  ? 15.580 ? 1310 335 ? 319 95.200 ? ? 0.123 ? 0.108 ? ? ? ? ? ? ? ? ? ? ? ? ? 0.124 ? 0 5 1 ? ? 
5.000  6.000  ? 11.430 ? 1549 387 ? 377 97.400 ? ? 0.184 ? 0.146 ? ? ? ? ? ? ? ? ? ? ? ? ? 0.168 ? 0 6 1 ? ? 
6.000  10.000 ? 31.500 ? 1598 424 ? 407 96.000 ? ? 0.061 ? 0.039 ? ? ? ? ? ? ? ? ? ? ? ? ? 0.046 ? 0 7 1 ? ? 
10.000 20.000 ? 60.510 ? 370  103 ? 99  96.100 ? ? 0.021 ? 0.018 ? ? ? ? ? ? ? ? ? ? ? ? ? 0.021 ? 0 8 1 ? ? 
20.000 ?      ? 75.200 ? 40   15  ? 13  86.700 ? ? 0.012 ? 0.013 ? ? ? ? ? ? ? ? ? ? ? ? ? 0.015 ? 0 9 1 ? ? 
# 
_refine.pdbx_refine_id                           'X-RAY DIFFRACTION' 
_refine.entry_id                                 4U5T 
_refine.pdbx_diffrn_id                           1 
_refine.pdbx_TLS_residual_ADP_flag               ? 
_refine.ls_number_reflns_obs                     3054 
_refine.ls_number_reflns_all                     ? 
_refine.pdbx_ls_sigma_I                          ? 
_refine.pdbx_ls_sigma_F                          1.37 
_refine.pdbx_data_cutoff_high_absF               ? 
_refine.pdbx_data_cutoff_low_absF                ? 
_refine.pdbx_data_cutoff_high_rms_absF           ? 
_refine.ls_d_res_low                             34.420 
_refine.ls_d_res_high                            3.301 
_refine.ls_percent_reflns_obs                    96.34 
_refine.ls_R_factor_obs                          0.2617 
_refine.ls_R_factor_all                          ? 
_refine.ls_R_factor_R_work                       0.2601 
_refine.ls_R_factor_R_free                       0.2781 
_refine.ls_R_factor_R_free_error                 ? 
_refine.ls_R_factor_R_free_error_details         ? 
_refine.ls_percent_reflns_R_free                 8.32 
_refine.ls_number_reflns_R_free                  254 
_refine.ls_number_parameters                     ? 
_refine.ls_number_restraints                     ? 
_refine.occupancy_min                            ? 
_refine.occupancy_max                            ? 
_refine.correlation_coeff_Fo_to_Fc               ? 
_refine.correlation_coeff_Fo_to_Fc_free          ? 
_refine.B_iso_mean                               ? 
_refine.aniso_B[1][1]                            9.4913 
_refine.aniso_B[2][2]                            9.4913 
_refine.aniso_B[3][3]                            -18.9825 
_refine.aniso_B[1][2]                            0.0000 
_refine.aniso_B[1][3]                            -0.0000 
_refine.aniso_B[2][3]                            0.0000 
_refine.solvent_model_details                    'FLAT BULK SOLVENT MODEL' 
_refine.solvent_model_param_ksol                 0.323 
_refine.solvent_model_param_bsol                 29.709 
_refine.pdbx_solvent_vdw_probe_radii             1.30 
_refine.pdbx_solvent_ion_probe_radii             ? 
_refine.pdbx_solvent_shrinkage_radii             1.11 
_refine.pdbx_ls_cross_valid_method               'FREE R-VALUE' 
_refine.details                                  ? 
_refine.pdbx_starting_model                      ? 
_refine.pdbx_method_to_determine_struct          'MOLECULAR REPLACEMENT' 
_refine.pdbx_isotropic_thermal_model             ? 
_refine.pdbx_stereochemistry_target_values       ML 
_refine.pdbx_stereochem_target_val_spec_case     ? 
_refine.pdbx_R_Free_selection_details            ? 
_refine.pdbx_overall_ESU_R                       ? 
_refine.pdbx_overall_ESU_R_Free                  ? 
_refine.overall_SU_ML                            0.28 
_refine.pdbx_overall_phase_error                 31.43 
_refine.overall_SU_B                             ? 
_refine.overall_SU_R_Cruickshank_DPI             ? 
_refine.pdbx_overall_SU_R_free_Cruickshank_DPI   ? 
_refine.pdbx_overall_SU_R_Blow_DPI               ? 
_refine.pdbx_overall_SU_R_free_Blow_DPI          ? 
# 
_refine_hist.pdbx_refine_id                   'X-RAY DIFFRACTION' 
_refine_hist.cycle_id                         LAST 
_refine_hist.pdbx_number_atoms_protein        588 
_refine_hist.pdbx_number_atoms_nucleic_acid   0 
_refine_hist.pdbx_number_atoms_ligand         15 
_refine_hist.number_atoms_solvent             5 
_refine_hist.number_atoms_total               608 
_refine_hist.d_res_high                       3.301 
_refine_hist.d_res_low                        34.420 
# 
loop_
_refine_ls_restr.type 
_refine_ls_restr.dev_ideal 
_refine_ls_restr.dev_ideal_target 
_refine_ls_restr.weight 
_refine_ls_restr.number 
_refine_ls_restr.pdbx_refine_id 
_refine_ls_restr.pdbx_restraint_function 
f_bond_d           0.013  ? ? 606 'X-RAY DIFFRACTION' ? 
f_angle_d          1.622  ? ? 811 'X-RAY DIFFRACTION' ? 
f_dihedral_angle_d 22.140 ? ? 247 'X-RAY DIFFRACTION' ? 
f_chiral_restr     0.079  ? ? 94  'X-RAY DIFFRACTION' ? 
f_plane_restr      0.007  ? ? 106 'X-RAY DIFFRACTION' ? 
# 
loop_
_refine_ls_restr_ncs.pdbx_refine_id 
_refine_ls_restr_ncs.dom_id 
_refine_ls_restr_ncs.pdbx_ens_id 
_refine_ls_restr_ncs.pdbx_ordinal 
_refine_ls_restr_ncs.ncs_model_details 
_refine_ls_restr_ncs.rms_dev_position 
_refine_ls_restr_ncs.weight_position 
_refine_ls_restr_ncs.rms_dev_B_iso 
_refine_ls_restr_ncs.weight_B_iso 
_refine_ls_restr_ncs.pdbx_auth_asym_id 
_refine_ls_restr_ncs.pdbx_number 
_refine_ls_restr_ncs.pdbx_type 
_refine_ls_restr_ncs.pdbx_asym_id 
_refine_ls_restr_ncs.pdbx_rms 
_refine_ls_restr_ncs.pdbx_weight 
'X-RAY DIFFRACTION' 1 1 1 ? ?     ? ? ? A 148 POSITIONAL ? ? ? 
'X-RAY DIFFRACTION' 2 1 2 ? 0.044 ? ? ? B 148 POSITIONAL ? ? ? 
# 
loop_
_refine_ls_shell.pdbx_refine_id 
_refine_ls_shell.pdbx_total_number_of_bins_used 
_refine_ls_shell.d_res_high 
_refine_ls_shell.d_res_low 
_refine_ls_shell.number_reflns_R_work 
_refine_ls_shell.R_factor_R_work 
_refine_ls_shell.percent_reflns_obs 
_refine_ls_shell.R_factor_R_free 
_refine_ls_shell.R_factor_R_free_error 
_refine_ls_shell.percent_reflns_R_free 
_refine_ls_shell.number_reflns_R_free 
_refine_ls_shell.number_reflns_all 
_refine_ls_shell.R_factor_all 
_refine_ls_shell.R_factor_obs 
_refine_ls_shell.number_reflns_obs 
'X-RAY DIFFRACTION' . 3.301  4.1581  1385 0.3155 96.00 0.2790 . . 122 . . . . 
'X-RAY DIFFRACTION' . 4.1581 34.4219 1415 0.2235 97.00 0.2774 . . 132 . . . . 
# 
_struct_ncs_oper.code           given 
_struct_ncs_oper.id             1 
_struct_ncs_oper.matrix[1][1]   0.35286112 
_struct_ncs_oper.matrix[1][2]   -0.77302060 
_struct_ncs_oper.matrix[1][3]   -0.52718866 
_struct_ncs_oper.matrix[2][1]   -0.77363379 
_struct_ncs_oper.matrix[2][2]   -0.55794764 
_struct_ncs_oper.matrix[2][3]   0.30030932 
_struct_ncs_oper.matrix[3][1]   -0.52628935 
_struct_ncs_oper.matrix[3][2]   0.30188370 
_struct_ncs_oper.matrix[3][3]   -0.79491248 
_struct_ncs_oper.vector[1]      -0.007349 
_struct_ncs_oper.vector[2]      0.001220 
_struct_ncs_oper.vector[3]      0.002336 
_struct_ncs_oper.details        ? 
# 
loop_
_struct_ncs_dom.id 
_struct_ncs_dom.details 
_struct_ncs_dom.pdbx_ens_id 
1 ? 1 
2 ? 1 
# 
loop_
_struct_ncs_dom_lim.dom_id 
_struct_ncs_dom_lim.beg_auth_asym_id 
_struct_ncs_dom_lim.beg_auth_seq_id 
_struct_ncs_dom_lim.end_auth_asym_id 
_struct_ncs_dom_lim.end_auth_seq_id 
_struct_ncs_dom_lim.pdbx_component_id 
_struct_ncs_dom_lim.pdbx_refine_code 
_struct_ncs_dom_lim.beg_label_asym_id 
_struct_ncs_dom_lim.beg_label_comp_id 
_struct_ncs_dom_lim.beg_label_seq_id 
_struct_ncs_dom_lim.beg_label_alt_id 
_struct_ncs_dom_lim.end_label_asym_id 
_struct_ncs_dom_lim.end_label_comp_id 
_struct_ncs_dom_lim.end_label_seq_id 
_struct_ncs_dom_lim.end_label_alt_id 
_struct_ncs_dom_lim.pdbx_ens_id 
_struct_ncs_dom_lim.selection_details 
_struct_ncs_dom_lim.beg_auth_comp_id 
_struct_ncs_dom_lim.end_auth_comp_id 
1 ? ? ? ? 1 ? ? ? ? ? ? ? ? ? 1 
;chain 'A' and backbone
;
? ? 
2 ? ? ? ? 1 ? ? ? ? ? ? ? ? ? 1 
;chain 'B' and backbone
;
? ? 
# 
_struct_ncs_ens.id        1 
_struct_ncs_ens.details   ? 
# 
_struct.entry_id                     4U5T 
_struct.title                        'Crystal Structure of VBP Leucine Zipper with Bound Arylstibonic Acid' 
_struct.pdbx_model_details           ? 
_struct.pdbx_formula_weight          ? 
_struct.pdbx_formula_weight_method   ? 
_struct.pdbx_model_type_details      ? 
_struct.pdbx_CASP_flag               ? 
# 
_struct_keywords.entry_id        4U5T 
_struct_keywords.text            
;leucine zipper, B-ZIP transcription factor, vitellogenin gene-binding protein (VBP), inhibitor, TRANSCRIPTION-TRANSCRIPTION Inhibitor complex
;
_struct_keywords.pdbx_keywords   'TRANSCRIPTION/TRANSCRIPTION Inhibitor' 
# 
loop_
_struct_asym.id 
_struct_asym.pdbx_blank_PDB_chainid_flag 
_struct_asym.pdbx_modified 
_struct_asym.entity_id 
_struct_asym.details 
A N N 1 ? 
B N N 1 ? 
C N N 2 ? 
D N N 3 ? 
# 
_struct_ref.id                         1 
_struct_ref.db_name                    PDB 
_struct_ref.db_code                    4U5T 
_struct_ref.pdbx_db_accession          4U5T 
_struct_ref.entity_id                  1 
_struct_ref.pdbx_seq_one_letter_code   ? 
_struct_ref.pdbx_align_begin           1 
_struct_ref.pdbx_db_isoform            ? 
# 
loop_
_struct_ref_seq.align_id 
_struct_ref_seq.ref_id 
_struct_ref_seq.pdbx_PDB_id_code 
_struct_ref_seq.pdbx_strand_id 
_struct_ref_seq.seq_align_beg 
_struct_ref_seq.pdbx_seq_align_beg_ins_code 
_struct_ref_seq.seq_align_end 
_struct_ref_seq.pdbx_seq_align_end_ins_code 
_struct_ref_seq.pdbx_db_accession 
_struct_ref_seq.db_align_beg 
_struct_ref_seq.pdbx_db_align_beg_ins_code 
_struct_ref_seq.db_align_end 
_struct_ref_seq.pdbx_db_align_end_ins_code 
_struct_ref_seq.pdbx_auth_seq_align_beg 
_struct_ref_seq.pdbx_auth_seq_align_end 
1 1 4U5T A 1 ? 39 ? 4U5T 1 ? 39 ? 1 39 
2 1 4U5T B 1 ? 39 ? 4U5T 1 ? 39 ? 1 39 
# 
_pdbx_struct_assembly.id                   1 
_pdbx_struct_assembly.details              author_and_software_defined_assembly 
_pdbx_struct_assembly.method_details       PISA 
_pdbx_struct_assembly.oligomeric_details   dimeric 
_pdbx_struct_assembly.oligomeric_count     2 
# 
loop_
_pdbx_struct_assembly_prop.biol_id 
_pdbx_struct_assembly_prop.type 
_pdbx_struct_assembly_prop.value 
_pdbx_struct_assembly_prop.details 
1 'ABSA (A^2)' 1860 ? 
1 MORE         -16  ? 
1 'SSA (A^2)'  6190 ? 
# 
_pdbx_struct_assembly_gen.assembly_id       1 
_pdbx_struct_assembly_gen.oper_expression   1 
_pdbx_struct_assembly_gen.asym_id_list      A,B,C,D 
# 
_pdbx_struct_oper_list.id                   1 
_pdbx_struct_oper_list.type                 'identity operation' 
_pdbx_struct_oper_list.name                 1_555 
_pdbx_struct_oper_list.symmetry_operation   x,y,z 
_pdbx_struct_oper_list.matrix[1][1]         1.0000000000 
_pdbx_struct_oper_list.matrix[1][2]         0.0000000000 
_pdbx_struct_oper_list.matrix[1][3]         0.0000000000 
_pdbx_struct_oper_list.vector[1]            0.0000000000 
_pdbx_struct_oper_list.matrix[2][1]         0.0000000000 
_pdbx_struct_oper_list.matrix[2][2]         1.0000000000 
_pdbx_struct_oper_list.matrix[2][3]         0.0000000000 
_pdbx_struct_oper_list.vector[2]            0.0000000000 
_pdbx_struct_oper_list.matrix[3][1]         0.0000000000 
_pdbx_struct_oper_list.matrix[3][2]         0.0000000000 
_pdbx_struct_oper_list.matrix[3][3]         1.0000000000 
_pdbx_struct_oper_list.vector[3]            0.0000000000 
# 
loop_
_struct_conf.conf_type_id 
_struct_conf.id 
_struct_conf.pdbx_PDB_helix_id 
_struct_conf.beg_label_comp_id 
_struct_conf.beg_label_asym_id 
_struct_conf.beg_label_seq_id 
_struct_conf.pdbx_beg_PDB_ins_code 
_struct_conf.end_label_comp_id 
_struct_conf.end_label_asym_id 
_struct_conf.end_label_seq_id 
_struct_conf.pdbx_end_PDB_ins_code 
_struct_conf.beg_auth_comp_id 
_struct_conf.beg_auth_asym_id 
_struct_conf.beg_auth_seq_id 
_struct_conf.end_auth_comp_id 
_struct_conf.end_auth_asym_id 
_struct_conf.end_auth_seq_id 
_struct_conf.pdbx_PDB_helix_class 
_struct_conf.details 
_struct_conf.pdbx_PDB_helix_length 
HELX_P HELX_P1 AA1 ASP A 4 ? SER A 38 ? ASP A 4 SER A 38 1 ? 35 
HELX_P HELX_P2 AA2 ASP B 4 ? SER B 38 ? ASP B 4 SER B 38 1 ? 35 
# 
_struct_conf_type.id          HELX_P 
_struct_conf_type.criteria    ? 
_struct_conf_type.reference   ? 
# 
_struct_conn.id                            disulf1 
_struct_conn.conn_type_id                  disulf 
_struct_conn.pdbx_leaving_atom_flag        ? 
_struct_conn.pdbx_PDB_id                   ? 
_struct_conn.ptnr1_label_asym_id           A 
_struct_conn.ptnr1_label_comp_id           CYS 
_struct_conn.ptnr1_label_seq_id            33 
_struct_conn.ptnr1_label_atom_id           SG 
_struct_conn.pdbx_ptnr1_label_alt_id       ? 
_struct_conn.pdbx_ptnr1_PDB_ins_code       ? 
_struct_conn.pdbx_ptnr1_standard_comp_id   ? 
_struct_conn.ptnr1_symmetry                1_555 
_struct_conn.ptnr2_label_asym_id           B 
_struct_conn.ptnr2_label_comp_id           CYS 
_struct_conn.ptnr2_label_seq_id            33 
_struct_conn.ptnr2_label_atom_id           SG 
_struct_conn.pdbx_ptnr2_label_alt_id       ? 
_struct_conn.pdbx_ptnr2_PDB_ins_code       ? 
_struct_conn.ptnr1_auth_asym_id            A 
_struct_conn.ptnr1_auth_comp_id            CYS 
_struct_conn.ptnr1_auth_seq_id             33 
_struct_conn.ptnr2_auth_asym_id            B 
_struct_conn.ptnr2_auth_comp_id            CYS 
_struct_conn.ptnr2_auth_seq_id             33 
_struct_conn.ptnr2_symmetry                1_555 
_struct_conn.pdbx_ptnr3_label_atom_id      ? 
_struct_conn.pdbx_ptnr3_label_seq_id       ? 
_struct_conn.pdbx_ptnr3_label_comp_id      ? 
_struct_conn.pdbx_ptnr3_label_asym_id      ? 
_struct_conn.pdbx_ptnr3_label_alt_id       ? 
_struct_conn.pdbx_ptnr3_PDB_ins_code       ? 
_struct_conn.details                       ? 
_struct_conn.pdbx_dist_value               2.034 
_struct_conn.pdbx_value_order              ? 
_struct_conn.pdbx_role                     ? 
# 
_struct_conn_type.id          disulf 
_struct_conn_type.criteria    ? 
_struct_conn_type.reference   ? 
# 
_pdbx_modification_feature.ordinal                            1 
_pdbx_modification_feature.label_comp_id                      CYS 
_pdbx_modification_feature.label_asym_id                      A 
_pdbx_modification_feature.label_seq_id                       33 
_pdbx_modification_feature.label_alt_id                       ? 
_pdbx_modification_feature.modified_residue_label_comp_id     CYS 
_pdbx_modification_feature.modified_residue_label_asym_id     B 
_pdbx_modification_feature.modified_residue_label_seq_id      33 
_pdbx_modification_feature.modified_residue_label_alt_id      ? 
_pdbx_modification_feature.auth_comp_id                       CYS 
_pdbx_modification_feature.auth_asym_id                       A 
_pdbx_modification_feature.auth_seq_id                        33 
_pdbx_modification_feature.PDB_ins_code                       ? 
_pdbx_modification_feature.symmetry                           1_555 
_pdbx_modification_feature.modified_residue_auth_comp_id      CYS 
_pdbx_modification_feature.modified_residue_auth_asym_id      B 
_pdbx_modification_feature.modified_residue_auth_seq_id       33 
_pdbx_modification_feature.modified_residue_PDB_ins_code      ? 
_pdbx_modification_feature.modified_residue_symmetry          1_555 
_pdbx_modification_feature.comp_id_linking_atom               SG 
_pdbx_modification_feature.modified_residue_id_linking_atom   SG 
_pdbx_modification_feature.modified_residue_id                . 
_pdbx_modification_feature.ref_pcm_id                         . 
_pdbx_modification_feature.ref_comp_id                        . 
_pdbx_modification_feature.type                               None 
_pdbx_modification_feature.category                           'Disulfide bridge' 
# 
_struct_site.id                   AC1 
_struct_site.pdbx_evidence_code   Software 
_struct_site.pdbx_auth_asym_id    A 
_struct_site.pdbx_auth_comp_id    3CG 
_struct_site.pdbx_auth_seq_id     101 
_struct_site.pdbx_auth_ins_code   ? 
_struct_site.pdbx_num_residues    6 
_struct_site.details              'binding site for residue 3CG A 101' 
# 
loop_
_struct_site_gen.id 
_struct_site_gen.site_id 
_struct_site_gen.pdbx_num_res 
_struct_site_gen.label_comp_id 
_struct_site_gen.label_asym_id 
_struct_site_gen.label_seq_id 
_struct_site_gen.pdbx_auth_ins_code 
_struct_site_gen.auth_comp_id 
_struct_site_gen.auth_asym_id 
_struct_site_gen.auth_seq_id 
_struct_site_gen.label_atom_id 
_struct_site_gen.label_alt_id 
_struct_site_gen.symmetry 
_struct_site_gen.details 
1 AC1 6 ARG A 20 ? ARG A 20  . ? 1_555 ? 
2 AC1 6 ARG A 27 ? ARG A 27  . ? 1_555 ? 
3 AC1 6 HOH D .  ? HOH A 202 . ? 1_555 ? 
4 AC1 6 HOH D .  ? HOH A 203 . ? 1_555 ? 
5 AC1 6 HOH D .  ? HOH A 204 . ? 1_555 ? 
6 AC1 6 HOH D .  ? HOH A 205 . ? 1_555 ? 
# 
_pdbx_entry_details.entry_id                   4U5T 
_pdbx_entry_details.compound_details           ? 
_pdbx_entry_details.source_details             ? 
_pdbx_entry_details.nonpolymer_details         ? 
_pdbx_entry_details.sequence_details           ? 
_pdbx_entry_details.has_ligand_of_interest     ? 
_pdbx_entry_details.has_protein_modification   Y 
# 
_pdbx_validate_close_contact.id               1 
_pdbx_validate_close_contact.PDB_model_num    1 
_pdbx_validate_close_contact.auth_atom_id_1   SG 
_pdbx_validate_close_contact.auth_asym_id_1   A 
_pdbx_validate_close_contact.auth_comp_id_1   CYS 
_pdbx_validate_close_contact.auth_seq_id_1    33 
_pdbx_validate_close_contact.PDB_ins_code_1   ? 
_pdbx_validate_close_contact.label_alt_id_1   ? 
_pdbx_validate_close_contact.auth_atom_id_2   CB 
_pdbx_validate_close_contact.auth_asym_id_2   B 
_pdbx_validate_close_contact.auth_comp_id_2   CYS 
_pdbx_validate_close_contact.auth_seq_id_2    33 
_pdbx_validate_close_contact.PDB_ins_code_2   ? 
_pdbx_validate_close_contact.label_alt_id_2   ? 
_pdbx_validate_close_contact.dist             2.09 
# 
loop_
_pdbx_validate_torsion.id 
_pdbx_validate_torsion.PDB_model_num 
_pdbx_validate_torsion.auth_comp_id 
_pdbx_validate_torsion.auth_asym_id 
_pdbx_validate_torsion.auth_seq_id 
_pdbx_validate_torsion.PDB_ins_code 
_pdbx_validate_torsion.label_alt_id 
_pdbx_validate_torsion.phi 
_pdbx_validate_torsion.psi 
1 1 ASP A 4 ? ? 27.91 96.88 
2 1 ASP B 4 ? ? 29.12 96.97 
# 
_phasing.method   MR 
# 
loop_
_pdbx_unobs_or_zero_occ_residues.id 
_pdbx_unobs_or_zero_occ_residues.PDB_model_num 
_pdbx_unobs_or_zero_occ_residues.polymer_flag 
_pdbx_unobs_or_zero_occ_residues.occupancy_flag 
_pdbx_unobs_or_zero_occ_residues.auth_asym_id 
_pdbx_unobs_or_zero_occ_residues.auth_comp_id 
_pdbx_unobs_or_zero_occ_residues.auth_seq_id 
_pdbx_unobs_or_zero_occ_residues.PDB_ins_code 
_pdbx_unobs_or_zero_occ_residues.label_asym_id 
_pdbx_unobs_or_zero_occ_residues.label_comp_id 
_pdbx_unobs_or_zero_occ_residues.label_seq_id 
1 1 Y 1 A ARG 1  ? A ARG 1  
2 1 Y 1 A LYS 39 ? A LYS 39 
3 1 Y 1 B ARG 1  ? B ARG 1  
4 1 Y 1 B LYS 39 ? B LYS 39 
# 
loop_
_chem_comp_atom.comp_id 
_chem_comp_atom.atom_id 
_chem_comp_atom.type_symbol 
_chem_comp_atom.pdbx_aromatic_flag 
_chem_comp_atom.pdbx_stereo_config 
_chem_comp_atom.pdbx_ordinal 
3CG C3   C  Y N 1   
3CG C2   C  Y N 2   
3CG C7   C  Y N 3   
3CG C6   C  Y N 4   
3CG C4   C  Y N 5   
3CG C14  C  N N 6   
3CG C1   C  N N 7   
3CG C5   C  Y N 8   
3CG SB   SB N N 9   
3CG O9   O  N N 10  
3CG O10  O  N N 11  
3CG O11  O  N N 12  
3CG C15  C  N N 13  
3CG O16  O  N N 14  
3CG O17  O  N N 15  
3CG H1   H  N N 16  
3CG H2   H  N N 17  
3CG H3   H  N N 18  
3CG H4   H  N N 19  
3CG H6   H  N N 20  
3CG H8   H  N N 21  
3CG H12  H  N N 22  
3CG H7   H  N N 23  
3CG H5   H  N N 24  
ALA N    N  N N 25  
ALA CA   C  N S 26  
ALA C    C  N N 27  
ALA O    O  N N 28  
ALA CB   C  N N 29  
ALA OXT  O  N N 30  
ALA H    H  N N 31  
ALA H2   H  N N 32  
ALA HA   H  N N 33  
ALA HB1  H  N N 34  
ALA HB2  H  N N 35  
ALA HB3  H  N N 36  
ALA HXT  H  N N 37  
ARG N    N  N N 38  
ARG CA   C  N S 39  
ARG C    C  N N 40  
ARG O    O  N N 41  
ARG CB   C  N N 42  
ARG CG   C  N N 43  
ARG CD   C  N N 44  
ARG NE   N  N N 45  
ARG CZ   C  N N 46  
ARG NH1  N  N N 47  
ARG NH2  N  N N 48  
ARG OXT  O  N N 49  
ARG H    H  N N 50  
ARG H2   H  N N 51  
ARG HA   H  N N 52  
ARG HB2  H  N N 53  
ARG HB3  H  N N 54  
ARG HG2  H  N N 55  
ARG HG3  H  N N 56  
ARG HD2  H  N N 57  
ARG HD3  H  N N 58  
ARG HE   H  N N 59  
ARG HH11 H  N N 60  
ARG HH12 H  N N 61  
ARG HH21 H  N N 62  
ARG HH22 H  N N 63  
ARG HXT  H  N N 64  
ASN N    N  N N 65  
ASN CA   C  N S 66  
ASN C    C  N N 67  
ASN O    O  N N 68  
ASN CB   C  N N 69  
ASN CG   C  N N 70  
ASN OD1  O  N N 71  
ASN ND2  N  N N 72  
ASN OXT  O  N N 73  
ASN H    H  N N 74  
ASN H2   H  N N 75  
ASN HA   H  N N 76  
ASN HB2  H  N N 77  
ASN HB3  H  N N 78  
ASN HD21 H  N N 79  
ASN HD22 H  N N 80  
ASN HXT  H  N N 81  
ASP N    N  N N 82  
ASP CA   C  N S 83  
ASP C    C  N N 84  
ASP O    O  N N 85  
ASP CB   C  N N 86  
ASP CG   C  N N 87  
ASP OD1  O  N N 88  
ASP OD2  O  N N 89  
ASP OXT  O  N N 90  
ASP H    H  N N 91  
ASP H2   H  N N 92  
ASP HA   H  N N 93  
ASP HB2  H  N N 94  
ASP HB3  H  N N 95  
ASP HD2  H  N N 96  
ASP HXT  H  N N 97  
CYS N    N  N N 98  
CYS CA   C  N R 99  
CYS C    C  N N 100 
CYS O    O  N N 101 
CYS CB   C  N N 102 
CYS SG   S  N N 103 
CYS OXT  O  N N 104 
CYS H    H  N N 105 
CYS H2   H  N N 106 
CYS HA   H  N N 107 
CYS HB2  H  N N 108 
CYS HB3  H  N N 109 
CYS HG   H  N N 110 
CYS HXT  H  N N 111 
GLU N    N  N N 112 
GLU CA   C  N S 113 
GLU C    C  N N 114 
GLU O    O  N N 115 
GLU CB   C  N N 116 
GLU CG   C  N N 117 
GLU CD   C  N N 118 
GLU OE1  O  N N 119 
GLU OE2  O  N N 120 
GLU OXT  O  N N 121 
GLU H    H  N N 122 
GLU H2   H  N N 123 
GLU HA   H  N N 124 
GLU HB2  H  N N 125 
GLU HB3  H  N N 126 
GLU HG2  H  N N 127 
GLU HG3  H  N N 128 
GLU HE2  H  N N 129 
GLU HXT  H  N N 130 
GLY N    N  N N 131 
GLY CA   C  N N 132 
GLY C    C  N N 133 
GLY O    O  N N 134 
GLY OXT  O  N N 135 
GLY H    H  N N 136 
GLY H2   H  N N 137 
GLY HA2  H  N N 138 
GLY HA3  H  N N 139 
GLY HXT  H  N N 140 
HOH O    O  N N 141 
HOH H1   H  N N 142 
HOH H2   H  N N 143 
ILE N    N  N N 144 
ILE CA   C  N S 145 
ILE C    C  N N 146 
ILE O    O  N N 147 
ILE CB   C  N S 148 
ILE CG1  C  N N 149 
ILE CG2  C  N N 150 
ILE CD1  C  N N 151 
ILE OXT  O  N N 152 
ILE H    H  N N 153 
ILE H2   H  N N 154 
ILE HA   H  N N 155 
ILE HB   H  N N 156 
ILE HG12 H  N N 157 
ILE HG13 H  N N 158 
ILE HG21 H  N N 159 
ILE HG22 H  N N 160 
ILE HG23 H  N N 161 
ILE HD11 H  N N 162 
ILE HD12 H  N N 163 
ILE HD13 H  N N 164 
ILE HXT  H  N N 165 
LEU N    N  N N 166 
LEU CA   C  N S 167 
LEU C    C  N N 168 
LEU O    O  N N 169 
LEU CB   C  N N 170 
LEU CG   C  N N 171 
LEU CD1  C  N N 172 
LEU CD2  C  N N 173 
LEU OXT  O  N N 174 
LEU H    H  N N 175 
LEU H2   H  N N 176 
LEU HA   H  N N 177 
LEU HB2  H  N N 178 
LEU HB3  H  N N 179 
LEU HG   H  N N 180 
LEU HD11 H  N N 181 
LEU HD12 H  N N 182 
LEU HD13 H  N N 183 
LEU HD21 H  N N 184 
LEU HD22 H  N N 185 
LEU HD23 H  N N 186 
LEU HXT  H  N N 187 
LYS N    N  N N 188 
LYS CA   C  N S 189 
LYS C    C  N N 190 
LYS O    O  N N 191 
LYS CB   C  N N 192 
LYS CG   C  N N 193 
LYS CD   C  N N 194 
LYS CE   C  N N 195 
LYS NZ   N  N N 196 
LYS OXT  O  N N 197 
LYS H    H  N N 198 
LYS H2   H  N N 199 
LYS HA   H  N N 200 
LYS HB2  H  N N 201 
LYS HB3  H  N N 202 
LYS HG2  H  N N 203 
LYS HG3  H  N N 204 
LYS HD2  H  N N 205 
LYS HD3  H  N N 206 
LYS HE2  H  N N 207 
LYS HE3  H  N N 208 
LYS HZ1  H  N N 209 
LYS HZ2  H  N N 210 
LYS HZ3  H  N N 211 
LYS HXT  H  N N 212 
PHE N    N  N N 213 
PHE CA   C  N S 214 
PHE C    C  N N 215 
PHE O    O  N N 216 
PHE CB   C  N N 217 
PHE CG   C  Y N 218 
PHE CD1  C  Y N 219 
PHE CD2  C  Y N 220 
PHE CE1  C  Y N 221 
PHE CE2  C  Y N 222 
PHE CZ   C  Y N 223 
PHE OXT  O  N N 224 
PHE H    H  N N 225 
PHE H2   H  N N 226 
PHE HA   H  N N 227 
PHE HB2  H  N N 228 
PHE HB3  H  N N 229 
PHE HD1  H  N N 230 
PHE HD2  H  N N 231 
PHE HE1  H  N N 232 
PHE HE2  H  N N 233 
PHE HZ   H  N N 234 
PHE HXT  H  N N 235 
PRO N    N  N N 236 
PRO CA   C  N S 237 
PRO C    C  N N 238 
PRO O    O  N N 239 
PRO CB   C  N N 240 
PRO CG   C  N N 241 
PRO CD   C  N N 242 
PRO OXT  O  N N 243 
PRO H    H  N N 244 
PRO HA   H  N N 245 
PRO HB2  H  N N 246 
PRO HB3  H  N N 247 
PRO HG2  H  N N 248 
PRO HG3  H  N N 249 
PRO HD2  H  N N 250 
PRO HD3  H  N N 251 
PRO HXT  H  N N 252 
SER N    N  N N 253 
SER CA   C  N S 254 
SER C    C  N N 255 
SER O    O  N N 256 
SER CB   C  N N 257 
SER OG   O  N N 258 
SER OXT  O  N N 259 
SER H    H  N N 260 
SER H2   H  N N 261 
SER HA   H  N N 262 
SER HB2  H  N N 263 
SER HB3  H  N N 264 
SER HG   H  N N 265 
SER HXT  H  N N 266 
THR N    N  N N 267 
THR CA   C  N S 268 
THR C    C  N N 269 
THR O    O  N N 270 
THR CB   C  N R 271 
THR OG1  O  N N 272 
THR CG2  C  N N 273 
THR OXT  O  N N 274 
THR H    H  N N 275 
THR H2   H  N N 276 
THR HA   H  N N 277 
THR HB   H  N N 278 
THR HG1  H  N N 279 
THR HG21 H  N N 280 
THR HG22 H  N N 281 
THR HG23 H  N N 282 
THR HXT  H  N N 283 
VAL N    N  N N 284 
VAL CA   C  N S 285 
VAL C    C  N N 286 
VAL O    O  N N 287 
VAL CB   C  N N 288 
VAL CG1  C  N N 289 
VAL CG2  C  N N 290 
VAL OXT  O  N N 291 
VAL H    H  N N 292 
VAL H2   H  N N 293 
VAL HA   H  N N 294 
VAL HB   H  N N 295 
VAL HG11 H  N N 296 
VAL HG12 H  N N 297 
VAL HG13 H  N N 298 
VAL HG21 H  N N 299 
VAL HG22 H  N N 300 
VAL HG23 H  N N 301 
VAL HXT  H  N N 302 
# 
loop_
_chem_comp_bond.comp_id 
_chem_comp_bond.atom_id_1 
_chem_comp_bond.atom_id_2 
_chem_comp_bond.value_order 
_chem_comp_bond.pdbx_aromatic_flag 
_chem_comp_bond.pdbx_stereo_config 
_chem_comp_bond.pdbx_ordinal 
3CG C3  C2   doub Y N 1   
3CG C3  C4   sing Y N 2   
3CG C2  C7   sing Y N 3   
3CG C2  C1   sing N N 4   
3CG C7  C6   doub Y N 5   
3CG C6  C5   sing Y N 6   
3CG C4  C5   doub Y N 7   
3CG C4  SB   sing N N 8   
3CG C14 C1   doub N Z 9   
3CG C14 C15  sing N N 10  
3CG SB  O9   doub N N 11  
3CG SB  O10  sing N N 12  
3CG SB  O11  sing N N 13  
3CG C15 O16  doub N N 14  
3CG C15 O17  sing N N 15  
3CG C3  H1   sing N N 16  
3CG C7  H2   sing N N 17  
3CG C6  H3   sing N N 18  
3CG C14 H4   sing N N 19  
3CG C1  H6   sing N N 20  
3CG C5  H8   sing N N 21  
3CG O17 H12  sing N N 22  
3CG O10 H7   sing N N 23  
3CG O11 H5   sing N N 24  
ALA N   CA   sing N N 25  
ALA N   H    sing N N 26  
ALA N   H2   sing N N 27  
ALA CA  C    sing N N 28  
ALA CA  CB   sing N N 29  
ALA CA  HA   sing N N 30  
ALA C   O    doub N N 31  
ALA C   OXT  sing N N 32  
ALA CB  HB1  sing N N 33  
ALA CB  HB2  sing N N 34  
ALA CB  HB3  sing N N 35  
ALA OXT HXT  sing N N 36  
ARG N   CA   sing N N 37  
ARG N   H    sing N N 38  
ARG N   H2   sing N N 39  
ARG CA  C    sing N N 40  
ARG CA  CB   sing N N 41  
ARG CA  HA   sing N N 42  
ARG C   O    doub N N 43  
ARG C   OXT  sing N N 44  
ARG CB  CG   sing N N 45  
ARG CB  HB2  sing N N 46  
ARG CB  HB3  sing N N 47  
ARG CG  CD   sing N N 48  
ARG CG  HG2  sing N N 49  
ARG CG  HG3  sing N N 50  
ARG CD  NE   sing N N 51  
ARG CD  HD2  sing N N 52  
ARG CD  HD3  sing N N 53  
ARG NE  CZ   sing N N 54  
ARG NE  HE   sing N N 55  
ARG CZ  NH1  sing N N 56  
ARG CZ  NH2  doub N N 57  
ARG NH1 HH11 sing N N 58  
ARG NH1 HH12 sing N N 59  
ARG NH2 HH21 sing N N 60  
ARG NH2 HH22 sing N N 61  
ARG OXT HXT  sing N N 62  
ASN N   CA   sing N N 63  
ASN N   H    sing N N 64  
ASN N   H2   sing N N 65  
ASN CA  C    sing N N 66  
ASN CA  CB   sing N N 67  
ASN CA  HA   sing N N 68  
ASN C   O    doub N N 69  
ASN C   OXT  sing N N 70  
ASN CB  CG   sing N N 71  
ASN CB  HB2  sing N N 72  
ASN CB  HB3  sing N N 73  
ASN CG  OD1  doub N N 74  
ASN CG  ND2  sing N N 75  
ASN ND2 HD21 sing N N 76  
ASN ND2 HD22 sing N N 77  
ASN OXT HXT  sing N N 78  
ASP N   CA   sing N N 79  
ASP N   H    sing N N 80  
ASP N   H2   sing N N 81  
ASP CA  C    sing N N 82  
ASP CA  CB   sing N N 83  
ASP CA  HA   sing N N 84  
ASP C   O    doub N N 85  
ASP C   OXT  sing N N 86  
ASP CB  CG   sing N N 87  
ASP CB  HB2  sing N N 88  
ASP CB  HB3  sing N N 89  
ASP CG  OD1  doub N N 90  
ASP CG  OD2  sing N N 91  
ASP OD2 HD2  sing N N 92  
ASP OXT HXT  sing N N 93  
CYS N   CA   sing N N 94  
CYS N   H    sing N N 95  
CYS N   H2   sing N N 96  
CYS CA  C    sing N N 97  
CYS CA  CB   sing N N 98  
CYS CA  HA   sing N N 99  
CYS C   O    doub N N 100 
CYS C   OXT  sing N N 101 
CYS CB  SG   sing N N 102 
CYS CB  HB2  sing N N 103 
CYS CB  HB3  sing N N 104 
CYS SG  HG   sing N N 105 
CYS OXT HXT  sing N N 106 
GLU N   CA   sing N N 107 
GLU N   H    sing N N 108 
GLU N   H2   sing N N 109 
GLU CA  C    sing N N 110 
GLU CA  CB   sing N N 111 
GLU CA  HA   sing N N 112 
GLU C   O    doub N N 113 
GLU C   OXT  sing N N 114 
GLU CB  CG   sing N N 115 
GLU CB  HB2  sing N N 116 
GLU CB  HB3  sing N N 117 
GLU CG  CD   sing N N 118 
GLU CG  HG2  sing N N 119 
GLU CG  HG3  sing N N 120 
GLU CD  OE1  doub N N 121 
GLU CD  OE2  sing N N 122 
GLU OE2 HE2  sing N N 123 
GLU OXT HXT  sing N N 124 
GLY N   CA   sing N N 125 
GLY N   H    sing N N 126 
GLY N   H2   sing N N 127 
GLY CA  C    sing N N 128 
GLY CA  HA2  sing N N 129 
GLY CA  HA3  sing N N 130 
GLY C   O    doub N N 131 
GLY C   OXT  sing N N 132 
GLY OXT HXT  sing N N 133 
HOH O   H1   sing N N 134 
HOH O   H2   sing N N 135 
ILE N   CA   sing N N 136 
ILE N   H    sing N N 137 
ILE N   H2   sing N N 138 
ILE CA  C    sing N N 139 
ILE CA  CB   sing N N 140 
ILE CA  HA   sing N N 141 
ILE C   O    doub N N 142 
ILE C   OXT  sing N N 143 
ILE CB  CG1  sing N N 144 
ILE CB  CG2  sing N N 145 
ILE CB  HB   sing N N 146 
ILE CG1 CD1  sing N N 147 
ILE CG1 HG12 sing N N 148 
ILE CG1 HG13 sing N N 149 
ILE CG2 HG21 sing N N 150 
ILE CG2 HG22 sing N N 151 
ILE CG2 HG23 sing N N 152 
ILE CD1 HD11 sing N N 153 
ILE CD1 HD12 sing N N 154 
ILE CD1 HD13 sing N N 155 
ILE OXT HXT  sing N N 156 
LEU N   CA   sing N N 157 
LEU N   H    sing N N 158 
LEU N   H2   sing N N 159 
LEU CA  C    sing N N 160 
LEU CA  CB   sing N N 161 
LEU CA  HA   sing N N 162 
LEU C   O    doub N N 163 
LEU C   OXT  sing N N 164 
LEU CB  CG   sing N N 165 
LEU CB  HB2  sing N N 166 
LEU CB  HB3  sing N N 167 
LEU CG  CD1  sing N N 168 
LEU CG  CD2  sing N N 169 
LEU CG  HG   sing N N 170 
LEU CD1 HD11 sing N N 171 
LEU CD1 HD12 sing N N 172 
LEU CD1 HD13 sing N N 173 
LEU CD2 HD21 sing N N 174 
LEU CD2 HD22 sing N N 175 
LEU CD2 HD23 sing N N 176 
LEU OXT HXT  sing N N 177 
LYS N   CA   sing N N 178 
LYS N   H    sing N N 179 
LYS N   H2   sing N N 180 
LYS CA  C    sing N N 181 
LYS CA  CB   sing N N 182 
LYS CA  HA   sing N N 183 
LYS C   O    doub N N 184 
LYS C   OXT  sing N N 185 
LYS CB  CG   sing N N 186 
LYS CB  HB2  sing N N 187 
LYS CB  HB3  sing N N 188 
LYS CG  CD   sing N N 189 
LYS CG  HG2  sing N N 190 
LYS CG  HG3  sing N N 191 
LYS CD  CE   sing N N 192 
LYS CD  HD2  sing N N 193 
LYS CD  HD3  sing N N 194 
LYS CE  NZ   sing N N 195 
LYS CE  HE2  sing N N 196 
LYS CE  HE3  sing N N 197 
LYS NZ  HZ1  sing N N 198 
LYS NZ  HZ2  sing N N 199 
LYS NZ  HZ3  sing N N 200 
LYS OXT HXT  sing N N 201 
PHE N   CA   sing N N 202 
PHE N   H    sing N N 203 
PHE N   H2   sing N N 204 
PHE CA  C    sing N N 205 
PHE CA  CB   sing N N 206 
PHE CA  HA   sing N N 207 
PHE C   O    doub N N 208 
PHE C   OXT  sing N N 209 
PHE CB  CG   sing N N 210 
PHE CB  HB2  sing N N 211 
PHE CB  HB3  sing N N 212 
PHE CG  CD1  doub Y N 213 
PHE CG  CD2  sing Y N 214 
PHE CD1 CE1  sing Y N 215 
PHE CD1 HD1  sing N N 216 
PHE CD2 CE2  doub Y N 217 
PHE CD2 HD2  sing N N 218 
PHE CE1 CZ   doub Y N 219 
PHE CE1 HE1  sing N N 220 
PHE CE2 CZ   sing Y N 221 
PHE CE2 HE2  sing N N 222 
PHE CZ  HZ   sing N N 223 
PHE OXT HXT  sing N N 224 
PRO N   CA   sing N N 225 
PRO N   CD   sing N N 226 
PRO N   H    sing N N 227 
PRO CA  C    sing N N 228 
PRO CA  CB   sing N N 229 
PRO CA  HA   sing N N 230 
PRO C   O    doub N N 231 
PRO C   OXT  sing N N 232 
PRO CB  CG   sing N N 233 
PRO CB  HB2  sing N N 234 
PRO CB  HB3  sing N N 235 
PRO CG  CD   sing N N 236 
PRO CG  HG2  sing N N 237 
PRO CG  HG3  sing N N 238 
PRO CD  HD2  sing N N 239 
PRO CD  HD3  sing N N 240 
PRO OXT HXT  sing N N 241 
SER N   CA   sing N N 242 
SER N   H    sing N N 243 
SER N   H2   sing N N 244 
SER CA  C    sing N N 245 
SER CA  CB   sing N N 246 
SER CA  HA   sing N N 247 
SER C   O    doub N N 248 
SER C   OXT  sing N N 249 
SER CB  OG   sing N N 250 
SER CB  HB2  sing N N 251 
SER CB  HB3  sing N N 252 
SER OG  HG   sing N N 253 
SER OXT HXT  sing N N 254 
THR N   CA   sing N N 255 
THR N   H    sing N N 256 
THR N   H2   sing N N 257 
THR CA  C    sing N N 258 
THR CA  CB   sing N N 259 
THR CA  HA   sing N N 260 
THR C   O    doub N N 261 
THR C   OXT  sing N N 262 
THR CB  OG1  sing N N 263 
THR CB  CG2  sing N N 264 
THR CB  HB   sing N N 265 
THR OG1 HG1  sing N N 266 
THR CG2 HG21 sing N N 267 
THR CG2 HG22 sing N N 268 
THR CG2 HG23 sing N N 269 
THR OXT HXT  sing N N 270 
VAL N   CA   sing N N 271 
VAL N   H    sing N N 272 
VAL N   H2   sing N N 273 
VAL CA  C    sing N N 274 
VAL CA  CB   sing N N 275 
VAL CA  HA   sing N N 276 
VAL C   O    doub N N 277 
VAL C   OXT  sing N N 278 
VAL CB  CG1  sing N N 279 
VAL CB  CG2  sing N N 280 
VAL CB  HB   sing N N 281 
VAL CG1 HG11 sing N N 282 
VAL CG1 HG12 sing N N 283 
VAL CG1 HG13 sing N N 284 
VAL CG2 HG21 sing N N 285 
VAL CG2 HG22 sing N N 286 
VAL CG2 HG23 sing N N 287 
VAL OXT HXT  sing N N 288 
# 
_atom_sites.entry_id                    4U5T 
_atom_sites.fract_transf_matrix[1][1]   -0.01379016 
_atom_sites.fract_transf_matrix[1][2]   0.00789217 
_atom_sites.fract_transf_matrix[1][3]   0.00537508 
_atom_sites.fract_transf_matrix[2][1]   -0.01037231 
_atom_sites.fract_transf_matrix[2][2]   -0.00762298 
_atom_sites.fract_transf_matrix[2][3]   0.01075511 
_atom_sites.fract_transf_matrix[3][1]   0.00668793 
_atom_sites.fract_transf_matrix[3][2]   0.00491877 
_atom_sites.fract_transf_matrix[3][3]   0.00993620 
_atom_sites.fract_transf_vector[1]      -0.050242 
_atom_sites.fract_transf_vector[2]      0.475281 
_atom_sites.fract_transf_vector[3]      0.098923 
# 
loop_
_atom_type.symbol 
C  
N  
O  
S  
SB 
# 
loop_
_atom_site.group_PDB 
_atom_site.id 
_atom_site.type_symbol 
_atom_site.label_atom_id 
_atom_site.label_alt_id 
_atom_site.label_comp_id 
_atom_site.label_asym_id 
_atom_site.label_entity_id 
_atom_site.label_seq_id 
_atom_site.pdbx_PDB_ins_code 
_atom_site.Cartn_x 
_atom_site.Cartn_y 
_atom_site.Cartn_z 
_atom_site.occupancy 
_atom_site.B_iso_or_equiv 
_atom_site.pdbx_formal_charge 
_atom_site.auth_seq_id 
_atom_site.auth_comp_id 
_atom_site.auth_asym_id 
_atom_site.auth_atom_id 
_atom_site.pdbx_PDB_model_num 
ATOM   1   N  N   . ASP A 1 2  ? 22.100  -3.003  -13.565 1.00 72.24  ?  2   ASP A N   1 
ATOM   2   C  CA  . ASP A 1 2  ? 22.969  -3.699  -12.616 1.00 72.24  ?  2   ASP A CA  1 
ATOM   3   C  C   . ASP A 1 2  ? 22.742  -3.348  -11.130 1.00 72.24  ?  2   ASP A C   1 
ATOM   4   O  O   . ASP A 1 2  ? 23.646  -3.507  -10.327 1.00 72.24  ?  2   ASP A O   1 
ATOM   5   C  CB  . ASP A 1 2  ? 24.435  -3.451  -12.999 1.00 55.65  ?  2   ASP A CB  1 
ATOM   6   C  CG  . ASP A 1 2  ? 24.677  -2.023  -13.497 1.00 55.65  ?  2   ASP A CG  1 
ATOM   7   O  OD1 . ASP A 1 2  ? 23.904  -1.106  -13.122 1.00 55.65  ?  2   ASP A OD1 1 
ATOM   8   O  OD2 . ASP A 1 2  ? 25.638  -1.821  -14.268 1.00 55.65  ?  2   ASP A OD2 1 
ATOM   9   N  N   . PRO A 1 3  ? 21.520  -2.948  -10.740 1.00 86.73  ?  3   PRO A N   1 
ATOM   10  C  CA  . PRO A 1 3  ? 21.367  -2.311  -9.440  1.00 86.73  ?  3   PRO A CA  1 
ATOM   11  C  C   . PRO A 1 3  ? 21.170  -3.315  -8.277  1.00 86.73  ?  3   PRO A C   1 
ATOM   12  O  O   . PRO A 1 3  ? 20.189  -3.192  -7.538  1.00 86.73  ?  3   PRO A O   1 
ATOM   13  C  CB  . PRO A 1 3  ? 20.114  -1.446  -9.655  1.00 86.99  ?  3   PRO A CB  1 
ATOM   14  C  CG  . PRO A 1 3  ? 19.251  -2.285  -10.521 1.00 86.99  ?  3   PRO A CG  1 
ATOM   15  C  CD  . PRO A 1 3  ? 20.185  -3.206  -11.327 1.00 86.99  ?  3   PRO A CD  1 
ATOM   16  N  N   . ASP A 1 4  ? 22.121  -4.244  -8.117  1.00 77.31  ?  4   ASP A N   1 
ATOM   17  C  CA  . ASP A 1 4  ? 22.132  -5.299  -7.081  1.00 77.31  ?  4   ASP A CA  1 
ATOM   18  C  C   . ASP A 1 4  ? 20.772  -5.744  -6.588  1.00 77.31  ?  4   ASP A C   1 
ATOM   19  O  O   . ASP A 1 4  ? 20.191  -5.122  -5.695  1.00 77.31  ?  4   ASP A O   1 
ATOM   20  C  CB  . ASP A 1 4  ? 23.006  -4.925  -5.872  1.00 54.29  ?  4   ASP A CB  1 
ATOM   21  C  CG  . ASP A 1 4  ? 23.539  -6.162  -5.141  1.00 54.29  ?  4   ASP A CG  1 
ATOM   22  O  OD1 . ASP A 1 4  ? 22.885  -7.227  -5.201  1.00 54.29  ?  4   ASP A OD1 1 
ATOM   23  O  OD2 . ASP A 1 4  ? 24.622  -6.077  -4.523  1.00 54.29  ?  4   ASP A OD2 1 
ATOM   24  N  N   . LEU A 1 5  ? 20.281  -6.835  -7.155  1.00 64.23  ?  5   LEU A N   1 
ATOM   25  C  CA  . LEU A 1 5  ? 18.954  -7.298  -6.807  1.00 64.23  ?  5   LEU A CA  1 
ATOM   26  C  C   . LEU A 1 5  ? 18.851  -7.541  -5.318  1.00 64.23  ?  5   LEU A C   1 
ATOM   27  O  O   . LEU A 1 5  ? 17.834  -7.221  -4.722  1.00 64.23  ?  5   LEU A O   1 
ATOM   28  C  CB  . LEU A 1 5  ? 18.629  -8.581  -7.553  1.00 59.84  ?  5   LEU A CB  1 
ATOM   29  C  CG  . LEU A 1 5  ? 19.135  -8.451  -8.979  1.00 59.84  ?  5   LEU A CG  1 
ATOM   30  C  CD1 . LEU A 1 5  ? 19.328  -9.844  -9.572  1.00 59.84  ?  5   LEU A CD1 1 
ATOM   31  C  CD2 . LEU A 1 5  ? 18.166  -7.560  -9.785  1.00 59.84  ?  5   LEU A CD2 1 
ATOM   32  N  N   . GLU A 1 6  ? 19.895  -8.131  -4.733  1.00 52.79  ?  6   GLU A N   1 
ATOM   33  C  CA  . GLU A 1 6  ? 19.913  -8.444  -3.299  1.00 52.79  ?  6   GLU A CA  1 
ATOM   34  C  C   . GLU A 1 6  ? 19.394  -7.223  -2.543  1.00 52.79  ?  6   GLU A C   1 
ATOM   35  O  O   . GLU A 1 6  ? 18.452  -7.324  -1.739  1.00 52.79  ?  6   GLU A O   1 
ATOM   36  C  CB  . GLU A 1 6  ? 21.332  -8.810  -2.821  1.00 48.10  ?  6   GLU A CB  1 
ATOM   37  C  CG  . GLU A 1 6  ? 21.751  -10.292 -2.928  1.00 48.10  ?  6   GLU A CG  1 
ATOM   38  C  CD  . GLU A 1 6  ? 21.742  -11.037 -1.567  1.00 48.10  ?  6   GLU A CD  1 
ATOM   39  O  OE1 . GLU A 1 6  ? 22.769  -10.994 -0.821  1.00 48.10  ?  6   GLU A OE1 1 
ATOM   40  O  OE2 . GLU A 1 6  ? 20.697  -11.673 -1.260  1.00 48.10  ?  6   GLU A OE2 1 
ATOM   41  N  N   . ILE A 1 7  ? 19.966  -6.062  -2.876  1.00 57.15  ?  7   ILE A N   1 
ATOM   42  C  CA  . ILE A 1 7  ? 19.546  -4.774  -2.324  1.00 57.15  ?  7   ILE A CA  1 
ATOM   43  C  C   . ILE A 1 7  ? 18.157  -4.370  -2.777  1.00 57.15  ?  7   ILE A C   1 
ATOM   44  O  O   . ILE A 1 7  ? 17.292  -4.151  -1.933  1.00 57.15  ?  7   ILE A O   1 
ATOM   45  C  CB  . ILE A 1 7  ? 20.521  -3.632  -2.671  1.00 37.69  ?  7   ILE A CB  1 
ATOM   46  C  CG1 . ILE A 1 7  ? 21.813  -3.775  -1.866  1.00 37.69  ?  7   ILE A CG1 1 
ATOM   47  C  CG2 . ILE A 1 7  ? 19.883  -2.255  -2.380  1.00 37.69  ?  7   ILE A CG2 1 
ATOM   48  C  CD1 . ILE A 1 7  ? 22.990  -3.065  -2.476  1.00 37.69  ?  7   ILE A CD1 1 
ATOM   49  N  N   . ARG A 1 8  ? 17.974  -4.266  -4.096  1.00 47.11  ?  8   ARG A N   1 
ATOM   50  C  CA  . ARG A 1 8  ? 16.703  -3.886  -4.714  1.00 47.11  ?  8   ARG A CA  1 
ATOM   51  C  C   . ARG A 1 8  ? 15.507  -4.531  -4.025  1.00 47.11  ?  8   ARG A C   1 
ATOM   52  O  O   . ARG A 1 8  ? 14.540  -3.871  -3.643  1.00 47.11  ?  8   ARG A O   1 
ATOM   53  C  CB  . ARG A 1 8  ? 16.697  -4.366  -6.166  1.00 108.40 ?  8   ARG A CB  1 
ATOM   54  C  CG  . ARG A 1 8  ? 16.813  -3.292  -7.229  1.00 108.40 ?  8   ARG A CG  1 
ATOM   55  C  CD  . ARG A 1 8  ? 15.897  -3.608  -8.430  1.00 108.40 ?  8   ARG A CD  1 
ATOM   56  N  NE  . ARG A 1 8  ? 14.484  -3.506  -8.066  1.00 108.40 ?  8   ARG A NE  1 
ATOM   57  C  CZ  . ARG A 1 8  ? 13.861  -2.373  -7.735  1.00 108.40 ?  8   ARG A CZ  1 
ATOM   58  N  NH1 . ARG A 1 8  ? 14.508  -1.206  -7.708  1.00 108.40 ?  8   ARG A NH1 1 
ATOM   59  N  NH2 . ARG A 1 8  ? 12.574  -2.405  -7.423  1.00 108.40 ?  8   ARG A NH2 1 
ATOM   60  N  N   . ALA A 1 9  ? 15.595  -5.846  -3.884  1.00 24.38  ?  9   ALA A N   1 
ATOM   61  C  CA  . ALA A 1 9  ? 14.521  -6.660  -3.323  1.00 24.38  ?  9   ALA A CA  1 
ATOM   62  C  C   . ALA A 1 9  ? 14.299  -6.285  -1.890  1.00 24.38  ?  9   ALA A C   1 
ATOM   63  O  O   . ALA A 1 9  ? 13.169  -6.034  -1.514  1.00 24.38  ?  9   ALA A O   1 
ATOM   64  C  CB  . ALA A 1 9  ? 14.850  -8.151  -3.437  1.00 26.98  ?  9   ALA A CB  1 
ATOM   65  N  N   . ALA A 1 10 ? 15.377  -6.271  -1.104  1.00 36.10  ?  10  ALA A N   1 
ATOM   66  C  CA  . ALA A 1 10 ? 15.336  -5.792  0.271   1.00 36.10  ?  10  ALA A CA  1 
ATOM   67  C  C   . ALA A 1 10 ? 14.636  -4.437  0.393   1.00 36.10  ?  10  ALA A C   1 
ATOM   68  O  O   . ALA A 1 10 ? 13.821  -4.199  1.289   1.00 36.10  ?  10  ALA A O   1 
ATOM   69  C  CB  . ALA A 1 10 ? 16.719  -5.674  0.796   1.00 20.34  ?  10  ALA A CB  1 
ATOM   70  N  N   . PHE A 1 11 ? 14.979  -3.541  -0.513  1.00 44.75  ?  11  PHE A N   1 
ATOM   71  C  CA  . PHE A 1 11 ? 14.436  -2.207  -0.499  1.00 44.75  ?  11  PHE A CA  1 
ATOM   72  C  C   . PHE A 1 11 ? 12.941  -2.287  -0.731  1.00 44.75  ?  11  PHE A C   1 
ATOM   73  O  O   . PHE A 1 11 ? 12.155  -1.677  -0.010  1.00 44.75  ?  11  PHE A O   1 
ATOM   74  C  CB  . PHE A 1 11 ? 15.115  -1.420  -1.607  1.00 57.23  ?  11  PHE A CB  1 
ATOM   75  C  CG  . PHE A 1 11 ? 14.484  -0.100  -1.881  1.00 57.23  ?  11  PHE A CG  1 
ATOM   76  C  CD1 . PHE A 1 11 ? 14.294  0.818   -0.861  1.00 57.23  ?  11  PHE A CD1 1 
ATOM   77  C  CD2 . PHE A 1 11 ? 14.106  0.241   -3.177  1.00 57.23  ?  11  PHE A CD2 1 
ATOM   78  C  CE1 . PHE A 1 11 ? 13.732  2.040   -1.124  1.00 57.23  ?  11  PHE A CE1 1 
ATOM   79  C  CE2 . PHE A 1 11 ? 13.540  1.469   -3.445  1.00 57.23  ?  11  PHE A CE2 1 
ATOM   80  C  CZ  . PHE A 1 11 ? 13.350  2.370   -2.420  1.00 57.23  ?  11  PHE A CZ  1 
ATOM   81  N  N   . LEU A 1 12 ? 12.567  -3.060  -1.744  1.00 41.33  ?  12  LEU A N   1 
ATOM   82  C  CA  . LEU A 1 12 ? 11.174  -3.281  -2.080  1.00 41.33  ?  12  LEU A CA  1 
ATOM   83  C  C   . LEU A 1 12 ? 10.407  -3.845  -0.896  1.00 41.33  ?  12  LEU A C   1 
ATOM   84  O  O   . LEU A 1 12 ? 9.278   -3.463  -0.652  1.00 41.33  ?  12  LEU A O   1 
ATOM   85  C  CB  . LEU A 1 12 ? 11.057  -4.268  -3.243  1.00 51.32  ?  12  LEU A CB  1 
ATOM   86  C  CG  . LEU A 1 12 ? 11.293  -3.796  -4.677  1.00 51.32  ?  12  LEU A CG  1 
ATOM   87  C  CD1 . LEU A 1 12 ? 10.680  -4.771  -5.662  1.00 51.32  ?  12  LEU A CD1 1 
ATOM   88  C  CD2 . LEU A 1 12 ? 10.726  -2.409  -4.886  1.00 51.32  ?  12  LEU A CD2 1 
ATOM   89  N  N   . GLU A 1 13 ? 11.017  -4.791  -0.194  1.00 30.11  ?  13  GLU A N   1 
ATOM   90  C  CA  . GLU A 1 13 ? 10.405  -5.403  0.976   1.00 30.11  ?  13  GLU A CA  1 
ATOM   91  C  C   . GLU A 1 13 ? 10.054  -4.312  1.974   1.00 30.11  ?  13  GLU A C   1 
ATOM   92  O  O   . GLU A 1 13 ? 8.900   -4.203  2.396   1.00 30.11  ?  13  GLU A O   1 
ATOM   93  C  CB  . GLU A 1 13 ? 11.380  -6.384  1.641   1.00 81.25  ?  13  GLU A CB  1 
ATOM   94  C  CG  . GLU A 1 13 ? 11.253  -7.833  1.211   1.00 81.25  ?  13  GLU A CG  1 
ATOM   95  C  CD  . GLU A 1 13 ? 10.876  -8.737  2.363   1.00 81.25  ?  13  GLU A CD  1 
ATOM   96  O  OE1 . GLU A 1 13 ? 10.789  -8.228  3.505   1.00 81.25  ?  13  GLU A OE1 1 
ATOM   97  O  OE2 . GLU A 1 13 ? 10.664  -9.950  2.129   1.00 81.25  ?  13  GLU A OE2 1 
ATOM   98  N  N   . LYS A 1 14 ? 11.053  -3.511  2.344   1.00 49.11  ?  14  LYS A N   1 
ATOM   99  C  CA  . LYS A 1 14 ? 10.830  -2.454  3.314   1.00 49.11  ?  14  LYS A CA  1 
ATOM   100 C  C   . LYS A 1 14 ? 9.719   -1.523  2.823   1.00 49.11  ?  14  LYS A C   1 
ATOM   101 O  O   . LYS A 1 14 ? 8.831   -1.143  3.601   1.00 49.11  ?  14  LYS A O   1 
ATOM   102 C  CB  . LYS A 1 14 ? 12.118  -1.689  3.631   1.00 48.23  ?  14  LYS A CB  1 
ATOM   103 C  CG  . LYS A 1 14 ? 11.941  -0.467  4.573   1.00 48.23  ?  14  LYS A CG  1 
ATOM   104 C  CD  . LYS A 1 14 ? 12.762  -0.621  5.860   1.00 48.23  ?  14  LYS A CD  1 
ATOM   105 C  CE  . LYS A 1 14 ? 13.022  0.717   6.548   1.00 48.23  ?  14  LYS A CE  1 
ATOM   106 N  NZ  . LYS A 1 14 ? 13.936  0.561   7.718   1.00 48.23  ?  14  LYS A NZ  1 
ATOM   107 N  N   . GLU A 1 15 ? 9.729   -1.198  1.535   1.00 51.61  ?  15  GLU A N   1 
ATOM   108 C  CA  . GLU A 1 15 ? 8.697   -0.310  0.993   1.00 51.61  ?  15  GLU A CA  1 
ATOM   109 C  C   . GLU A 1 15 ? 7.316   -0.946  1.132   1.00 51.61  ?  15  GLU A C   1 
ATOM   110 O  O   . GLU A 1 15 ? 6.426   -0.383  1.762   1.00 51.61  ?  15  GLU A O   1 
ATOM   111 C  CB  . GLU A 1 15 ? 8.996   0.077   -0.461  1.00 87.40  ?  15  GLU A CB  1 
ATOM   112 C  CG  . GLU A 1 15 ? 8.190   1.273   -0.957  1.00 87.40  ?  15  GLU A CG  1 
ATOM   113 C  CD  . GLU A 1 15 ? 8.945   2.134   -1.963  1.00 87.40  ?  15  GLU A CD  1 
ATOM   114 O  OE1 . GLU A 1 15 ? 10.139  1.859   -2.208  1.00 87.40  ?  15  GLU A OE1 1 
ATOM   115 O  OE2 . GLU A 1 15 ? 8.341   3.092   -2.503  1.00 87.40  ?  15  GLU A OE2 1 
ATOM   116 N  N   . ASN A 1 16 ? 7.172   -2.132  0.562   1.00 51.39  ?  16  ASN A N   1 
ATOM   117 C  CA  . ASN A 1 16 ? 5.968   -2.942  0.702   1.00 51.39  ?  16  ASN A CA  1 
ATOM   118 C  C   . ASN A 1 16 ? 5.393   -3.044  2.104   1.00 51.39  ?  16  ASN A C   1 
ATOM   119 O  O   . ASN A 1 16 ? 4.197   -2.884  2.284   1.00 51.39  ?  16  ASN A O   1 
ATOM   120 C  CB  . ASN A 1 16 ? 6.229   -4.355  0.224   1.00 49.67  ?  16  ASN A CB  1 
ATOM   121 C  CG  . ASN A 1 16 ? 5.818   -4.548  -1.177  1.00 49.67  ?  16  ASN A CG  1 
ATOM   122 O  OD1 . ASN A 1 16 ? 5.988   -3.657  -2.018  1.00 49.67  ?  16  ASN A OD1 1 
ATOM   123 N  ND2 . ASN A 1 16 ? 5.251   -5.713  -1.461  1.00 49.67  ?  16  ASN A ND2 1 
ATOM   124 N  N   . THR A 1 17 ? 6.230   -3.364  3.082   1.00 47.87  ?  17  THR A N   1 
ATOM   125 C  CA  . THR A 1 17 ? 5.754   -3.499  4.448   1.00 47.87  ?  17  THR A CA  1 
ATOM   126 C  C   . THR A 1 17 ? 5.185   -2.151  4.894   1.00 47.87  ?  17  THR A C   1 
ATOM   127 O  O   . THR A 1 17 ? 4.133   -2.082  5.537   1.00 47.87  ?  17  THR A O   1 
ATOM   128 C  CB  . THR A 1 17 ? 6.884   -3.994  5.414   1.00 40.43  ?  17  THR A CB  1 
ATOM   129 O  OG1 . THR A 1 17 ? 8.006   -3.110  5.334   1.00 40.43  ?  17  THR A OG1 1 
ATOM   130 C  CG2 . THR A 1 17 ? 7.358   -5.432  5.075   1.00 40.43  ?  17  THR A CG2 1 
ATOM   131 N  N   . ALA A 1 18 ? 5.886   -1.070  4.530   1.00 55.35  ?  18  ALA A N   1 
ATOM   132 C  CA  . ALA A 1 18 ? 5.483   0.289   4.895   1.00 55.35  ?  18  ALA A CA  1 
ATOM   133 C  C   . ALA A 1 18 ? 4.126   0.609   4.300   1.00 55.35  ?  18  ALA A C   1 
ATOM   134 O  O   . ALA A 1 18 ? 3.271   1.253   4.919   1.00 55.35  ?  18  ALA A O   1 
ATOM   135 C  CB  . ALA A 1 18 ? 6.511   1.285   4.390   1.00 64.76  ?  18  ALA A CB  1 
ATOM   136 N  N   . LEU A 1 19 ? 3.956   0.127   3.075   1.00 28.64  ?  19  LEU A N   1 
ATOM   137 C  CA  . LEU A 1 19 ? 2.752   0.301   2.281   1.00 28.64  ?  19  LEU A CA  1 
ATOM   138 C  C   . LEU A 1 19 ? 1.572   -0.459  2.904   1.00 28.64  ?  19  LEU A C   1 
ATOM   139 O  O   . LEU A 1 19 ? 0.477   0.106   3.069   1.00 28.64  ?  19  LEU A O   1 
ATOM   140 C  CB  . LEU A 1 19 ? 3.023   -0.263  0.882   1.00 39.64  ?  19  LEU A CB  1 
ATOM   141 C  CG  . LEU A 1 19 ? 2.680   0.535   -0.376  1.00 39.64  ?  19  LEU A CG  1 
ATOM   142 C  CD1 . LEU A 1 19 ? 1.941   1.796   -0.013  1.00 39.64  ?  19  LEU A CD1 1 
ATOM   143 C  CD2 . LEU A 1 19 ? 3.944   0.848   -1.170  1.00 39.64  ?  19  LEU A CD2 1 
ATOM   144 N  N   . ARG A 1 20 ? 1.800   -1.739  3.204   1.00 48.49  ?  20  ARG A N   1 
ATOM   145 C  CA  . ARG A 1 20 ? 0.766   -2.633  3.749   1.00 48.49  ?  20  ARG A CA  1 
ATOM   146 C  C   . ARG A 1 20 ? 0.251   -1.947  5.022   1.00 48.49  ?  20  ARG A C   1 
ATOM   147 O  O   . ARG A 1 20 ? -0.953  -1.932  5.305   1.00 48.49  ?  20  ARG A O   1 
ATOM   148 C  CB  . ARG A 1 20 ? 1.301   -4.077  4.011   1.00 63.83  ?  20  ARG A CB  1 
ATOM   149 C  CG  . ARG A 1 20 ? 1.626   -4.940  2.744   1.00 63.83  ?  20  ARG A CG  1 
ATOM   150 C  CD  . ARG A 1 20 ? 1.917   -6.438  3.048   1.00 63.83  ?  20  ARG A CD  1 
ATOM   151 N  NE  . ARG A 1 20 ? 1.634   -7.338  1.910   1.00 63.83  ?  20  ARG A NE  1 
ATOM   152 C  CZ  . ARG A 1 20 ? 0.453   -7.936  1.656   1.00 63.83  ?  20  ARG A CZ  1 
ATOM   153 N  NH1 . ARG A 1 20 ? -0.615  -7.743  2.434   1.00 63.83  ?  20  ARG A NH1 1 
ATOM   154 N  NH2 . ARG A 1 20 ? 0.320   -8.737  0.602   1.00 63.83  ?  20  ARG A NH2 1 
ATOM   155 N  N   . THR A 1 21 ? 1.179   -1.315  5.730   1.00 43.46  ?  21  THR A N   1 
ATOM   156 C  CA  . THR A 1 21 ? 0.883   -0.518  6.902   1.00 43.46  ?  21  THR A CA  1 
ATOM   157 C  C   . THR A 1 21 ? -0.012  0.681   6.612   1.00 43.46  ?  21  THR A C   1 
ATOM   158 O  O   . THR A 1 21 ? -1.049  0.870   7.264   1.00 43.46  ?  21  THR A O   1 
ATOM   159 C  CB  . THR A 1 21 ? 2.205   -0.062  7.497   1.00 34.70  ?  21  THR A CB  1 
ATOM   160 O  OG1 . THR A 1 21 ? 2.832   -1.215  8.057   1.00 34.70  ?  21  THR A OG1 1 
ATOM   161 C  CG2 . THR A 1 21 ? 2.022   1.000   8.571   1.00 34.70  ?  21  THR A CG2 1 
ATOM   162 N  N   . GLU A 1 22 ? 0.408   1.502   5.656   1.00 66.61  ?  22  GLU A N   1 
ATOM   163 C  CA  . GLU A 1 22 ? -0.365  2.678   5.300   1.00 66.61  ?  22  GLU A CA  1 
ATOM   164 C  C   . GLU A 1 22 ? -1.794  2.275   4.988   1.00 66.61  ?  22  GLU A C   1 
ATOM   165 O  O   . GLU A 1 22 ? -2.736  2.901   5.475   1.00 66.61  ?  22  GLU A O   1 
ATOM   166 C  CB  . GLU A 1 22 ? 0.256   3.395   4.109   1.00 73.14  ?  22  GLU A CB  1 
ATOM   167 C  CG  . GLU A 1 22 ? -0.254  4.815   3.976   1.00 73.14  ?  22  GLU A CG  1 
ATOM   168 C  CD  . GLU A 1 22 ? 0.326   5.563   2.772   1.00 73.14  ?  22  GLU A CD  1 
ATOM   169 O  OE1 . GLU A 1 22 ? 1.010   4.940   1.926   1.00 73.14  ?  22  GLU A OE1 1 
ATOM   170 O  OE2 . GLU A 1 22 ? 0.090   6.787   2.673   1.00 73.14  ?  22  GLU A OE2 1 
ATOM   171 N  N   . VAL A 1 23 ? -1.936  1.210   4.200   1.00 46.40  ?  23  VAL A N   1 
ATOM   172 C  CA  . VAL A 1 23 ? -3.237  0.624   3.871   1.00 46.40  ?  23  VAL A CA  1 
ATOM   173 C  C   . VAL A 1 23 ? -4.026  0.204   5.112   1.00 46.40  ?  23  VAL A C   1 
ATOM   174 O  O   . VAL A 1 23 ? -5.235  0.427   5.182   1.00 46.40  ?  23  VAL A O   1 
ATOM   175 C  CB  . VAL A 1 23 ? -3.071  -0.585  2.972   1.00 32.53  ?  23  VAL A CB  1 
ATOM   176 C  CG1 . VAL A 1 23 ? -4.428  -1.189  2.614   1.00 32.53  ?  23  VAL A CG1 1 
ATOM   177 C  CG2 . VAL A 1 23 ? -2.342  -0.170  1.749   1.00 32.53  ?  23  VAL A CG2 1 
ATOM   178 N  N   . ALA A 1 24 ? -3.346  -0.408  6.078   1.00 46.78  ?  24  ALA A N   1 
ATOM   179 C  CA  . ALA A 1 24 ? -3.977  -0.754  7.342   1.00 46.78  ?  24  ALA A CA  1 
ATOM   180 C  C   . ALA A 1 24 ? -4.652  0.468   7.919   1.00 46.78  ?  24  ALA A C   1 
ATOM   181 O  O   . ALA A 1 24 ? -5.862  0.449   8.145   1.00 46.78  ?  24  ALA A O   1 
ATOM   182 C  CB  . ALA A 1 24 ? -2.951  -1.296  8.329   1.00 85.74  ?  24  ALA A CB  1 
ATOM   183 N  N   . GLU A 1 25 ? -3.868  1.536   8.120   1.00 55.36  ?  25  GLU A N   1 
ATOM   184 C  CA  . GLU A 1 25 ? -4.339  2.737   8.816   1.00 55.36  ?  25  GLU A CA  1 
ATOM   185 C  C   . GLU A 1 25 ? -5.461  3.403   8.032   1.00 55.36  ?  25  GLU A C   1 
ATOM   186 O  O   . GLU A 1 25 ? -6.430  3.920   8.596   1.00 55.36  ?  25  GLU A O   1 
ATOM   187 C  CB  . GLU A 1 25 ? -3.184  3.719   9.032   1.00 88.81  ?  25  GLU A CB  1 
ATOM   188 C  CG  . GLU A 1 25 ? -1.921  3.066   9.612   1.00 88.81  ?  25  GLU A CG  1 
ATOM   189 C  CD  . GLU A 1 25 ? -0.684  3.983   9.615   1.00 88.81  ?  25  GLU A CD  1 
ATOM   190 O  OE1 . GLU A 1 25 ? -0.195  4.406   8.539   1.00 88.81  ?  25  GLU A OE1 1 
ATOM   191 O  OE2 . GLU A 1 25 ? -0.172  4.270   10.714  1.00 88.81  ?  25  GLU A OE2 1 
ATOM   192 N  N   . LEU A 1 26 ? -5.337  3.362   6.721   1.00 53.37  ?  26  LEU A N   1 
ATOM   193 C  CA  . LEU A 1 26 ? -6.356  3.955   5.886   1.00 53.37  ?  26  LEU A CA  1 
ATOM   194 C  C   . LEU A 1 26 ? -7.654  3.176   5.946   1.00 53.37  ?  26  LEU A C   1 
ATOM   195 O  O   . LEU A 1 26 ? -8.727  3.776   5.987   1.00 53.37  ?  26  LEU A O   1 
ATOM   196 C  CB  . LEU A 1 26 ? -5.876  4.108   4.448   1.00 25.90  ?  26  LEU A CB  1 
ATOM   197 C  CG  . LEU A 1 26 ? -4.874  5.239   4.232   1.00 25.90  ?  26  LEU A CG  1 
ATOM   198 C  CD1 . LEU A 1 26 ? -4.847  5.688   2.773   1.00 25.90  ?  26  LEU A CD1 1 
ATOM   199 C  CD2 . LEU A 1 26 ? -5.221  6.383   5.146   1.00 25.90  ?  26  LEU A CD2 1 
ATOM   200 N  N   . ARG A 1 27 ? -7.578  1.852   5.947   1.00 39.17  ?  27  ARG A N   1 
ATOM   201 C  CA  . ARG A 1 27 ? -8.798  1.068   6.101   1.00 39.17  ?  27  ARG A CA  1 
ATOM   202 C  C   . ARG A 1 27 ? -9.486  1.410   7.409   1.00 39.17  ?  27  ARG A C   1 
ATOM   203 O  O   . ARG A 1 27 ? -10.720 1.488   7.448   1.00 39.17  ?  27  ARG A O   1 
ATOM   204 C  CB  . ARG A 1 27 ? -8.526  -0.424  6.066   1.00 56.93  ?  27  ARG A CB  1 
ATOM   205 C  CG  . ARG A 1 27 ? -8.132  -0.972  4.715   1.00 56.93  ?  27  ARG A CG  1 
ATOM   206 C  CD  . ARG A 1 27 ? -8.003  -2.480  4.786   1.00 56.93  ?  27  ARG A CD  1 
ATOM   207 N  NE  . ARG A 1 27 ? -7.432  -3.035  3.574   1.00 56.93  ?  27  ARG A NE  1 
ATOM   208 C  CZ  . ARG A 1 27 ? -7.288  -4.334  3.370   1.00 56.93  ?  27  ARG A CZ  1 
ATOM   209 N  NH1 . ARG A 1 27 ? -7.687  -5.190  4.303   1.00 56.93  ?  27  ARG A NH1 1 
ATOM   210 N  NH2 . ARG A 1 27 ? -6.751  -4.776  2.239   1.00 56.93  ?  27  ARG A NH2 1 
ATOM   211 N  N   . LYS A 1 28 ? -8.683  1.601   8.466   1.00 33.54  ?  28  LYS A N   1 
ATOM   212 C  CA  . LYS A 1 28 ? -9.210  1.876   9.803   1.00 33.54  ?  28  LYS A CA  1 
ATOM   213 C  C   . LYS A 1 28 ? -9.988  3.161   9.717   1.00 33.54  ?  28  LYS A C   1 
ATOM   214 O  O   . LYS A 1 28 ? -11.140 3.231   10.166  1.00 33.54  ?  28  LYS A O   1 
ATOM   215 C  CB  . LYS A 1 28 ? -8.095  1.987   10.858  1.00 47.20  ?  28  LYS A CB  1 
ATOM   216 C  CG  . LYS A 1 28 ? -7.427  0.642   11.267  1.00 47.20  ?  28  LYS A CG  1 
ATOM   217 C  CD  . LYS A 1 28 ? -6.265  0.843   12.282  1.00 47.20  ?  28  LYS A CD  1 
ATOM   218 C  CE  . LYS A 1 28 ? -5.230  -0.314  12.263  1.00 47.20  ?  28  LYS A CE  1 
ATOM   219 N  NZ  . LYS A 1 28 ? -3.914  0.022   12.930  1.00 47.20  ?  28  LYS A NZ  1 
ATOM   220 N  N   . GLU A 1 29 ? -9.346  4.156   9.102   1.00 45.57  ?  29  GLU A N   1 
ATOM   221 C  CA  . GLU A 1 29 ? -9.929  5.476   8.870   1.00 45.57  ?  29  GLU A CA  1 
ATOM   222 C  C   . GLU A 1 29 ? -11.279 5.379   8.161   1.00 45.57  ?  29  GLU A C   1 
ATOM   223 O  O   . GLU A 1 29 ? -12.272 6.005   8.549   1.00 45.57  ?  29  GLU A O   1 
ATOM   224 C  CB  . GLU A 1 29 ? -8.975  6.305   8.014   1.00 60.78  ?  29  GLU A CB  1 
ATOM   225 C  CG  . GLU A 1 29 ? -8.990  7.777   8.343   1.00 60.78  ?  29  GLU A CG  1 
ATOM   226 C  CD  . GLU A 1 29 ? -8.215  8.080   9.593   1.00 60.78  ?  29  GLU A CD  1 
ATOM   227 O  OE1 . GLU A 1 29 ? -6.980  7.845   9.556   1.00 60.78  ?  29  GLU A OE1 1 
ATOM   228 O  OE2 . GLU A 1 29 ? -8.844  8.535   10.586  1.00 60.78  ?  29  GLU A OE2 1 
ATOM   229 N  N   . VAL A 1 30 ? -11.318 4.576   7.114   1.00 43.98  ?  30  VAL A N   1 
ATOM   230 C  CA  . VAL A 1 30 ? -12.546 4.418   6.366   1.00 43.98  ?  30  VAL A CA  1 
ATOM   231 C  C   . VAL A 1 30 ? -13.615 3.703   7.200   1.00 43.98  ?  30  VAL A C   1 
ATOM   232 O  O   . VAL A 1 30 ? -14.796 4.043   7.139   1.00 43.98  ?  30  VAL A O   1 
ATOM   233 C  CB  . VAL A 1 30 ? -12.287 3.697   5.036   1.00 13.96  ?  30  VAL A CB  1 
ATOM   234 C  CG1 . VAL A 1 30 ? -13.596 3.381   4.347   1.00 13.96  ?  30  VAL A CG1 1 
ATOM   235 C  CG2 . VAL A 1 30 ? -11.402 4.565   4.131   1.00 13.96  ?  30  VAL A CG2 1 
ATOM   236 N  N   . GLY A 1 31 ? -13.197 2.709   7.972   1.00 33.76  ?  31  GLY A N   1 
ATOM   237 C  CA  . GLY A 1 31 ? -14.098 2.087   8.912   1.00 33.76  ?  31  GLY A CA  1 
ATOM   238 C  C   . GLY A 1 31 ? -14.776 3.121   9.786   1.00 33.76  ?  31  GLY A C   1 
ATOM   239 O  O   . GLY A 1 31 ? -16.007 3.124   9.889   1.00 33.76  ?  31  GLY A O   1 
ATOM   240 N  N   . ARG A 1 32 ? -13.991 3.999   10.411  1.00 34.59  ?  32  ARG A N   1 
ATOM   241 C  CA  . ARG A 1 32 ? -14.607 5.013   11.257  1.00 34.59  ?  32  ARG A CA  1 
ATOM   242 C  C   . ARG A 1 32 ? -15.610 5.843   10.442  1.00 34.59  ?  32  ARG A C   1 
ATOM   243 O  O   . ARG A 1 32 ? -16.711 6.131   10.914  1.00 34.59  ?  32  ARG A O   1 
ATOM   244 C  CB  . ARG A 1 32 ? -13.590 5.879   12.037  1.00 76.85  ?  32  ARG A CB  1 
ATOM   245 C  CG  . ARG A 1 32 ? -12.102 5.685   11.742  1.00 76.85  ?  32  ARG A CG  1 
ATOM   246 C  CD  . ARG A 1 32 ? -11.195 6.235   12.873  1.00 76.85  ?  32  ARG A CD  1 
ATOM   247 N  NE  . ARG A 1 32 ? -11.075 5.280   13.978  1.00 76.85  ?  32  ARG A NE  1 
ATOM   248 C  CZ  . ARG A 1 32 ? -11.279 5.567   15.265  1.00 76.85  ?  32  ARG A CZ  1 
ATOM   249 N  NH1 . ARG A 1 32 ? -11.608 6.801   15.638  1.00 76.85  ?  32  ARG A NH1 1 
ATOM   250 N  NH2 . ARG A 1 32 ? -11.145 4.618   16.187  1.00 76.85  ?  32  ARG A NH2 1 
ATOM   251 N  N   . CYS A 1 33 ? -15.257 6.150   9.196   1.00 48.52  ?  33  CYS A N   1 
ATOM   252 C  CA  . CYS A 1 33 ? -16.124 6.955   8.321   1.00 48.52  ?  33  CYS A CA  1 
ATOM   253 C  C   . CYS A 1 33 ? -17.408 6.208   7.955   1.00 48.52  ?  33  CYS A C   1 
ATOM   254 O  O   . CYS A 1 33 ? -18.505 6.773   7.910   1.00 48.52  ?  33  CYS A O   1 
ATOM   255 C  CB  . CYS A 1 33 ? -15.363 7.360   7.043   1.00 46.09  ?  33  CYS A CB  1 
ATOM   256 S  SG  . CYS A 1 33 ? -15.840 8.977   6.309   1.00 46.09  ?  33  CYS A SG  1 
ATOM   257 N  N   . LYS A 1 34 ? -17.248 4.924   7.701   1.00 46.94  ?  34  LYS A N   1 
ATOM   258 C  CA  . LYS A 1 34 ? -18.340 4.102   7.253   1.00 46.94  ?  34  LYS A CA  1 
ATOM   259 C  C   . LYS A 1 34 ? -19.289 4.018   8.457   1.00 46.94  ?  34  LYS A C   1 
ATOM   260 O  O   . LYS A 1 34 ? -20.526 3.977   8.313   1.00 46.94  ?  34  LYS A O   1 
ATOM   261 C  CB  . LYS A 1 34 ? -17.774 2.742   6.784   1.00 59.82  ?  34  LYS A CB  1 
ATOM   262 C  CG  . LYS A 1 34 ? -18.635 1.917   5.808   1.00 59.82  ?  34  LYS A CG  1 
ATOM   263 C  CD  . LYS A 1 34 ? -19.750 1.134   6.519   1.00 59.82  ?  34  LYS A CD  1 
ATOM   264 C  CE  . LYS A 1 34 ? -19.960 -0.262  5.939   1.00 59.82  ?  34  LYS A CE  1 
ATOM   265 N  NZ  . LYS A 1 34 ? -20.731 -1.109  6.898   1.00 59.82  ?  34  LYS A NZ  1 
ATOM   266 N  N   . ASN A 1 35 ? -18.712 4.046   9.655   1.00 52.40  ?  35  ASN A N   1 
ATOM   267 C  CA  . ASN A 1 35 ? -19.526 3.964   10.853  1.00 52.40  ?  35  ASN A CA  1 
ATOM   268 C  C   . ASN A 1 35 ? -20.311 5.247   11.041  1.00 52.40  ?  35  ASN A C   1 
ATOM   269 O  O   . ASN A 1 35 ? -21.512 5.218   11.328  1.00 52.40  ?  35  ASN A O   1 
ATOM   270 C  CB  . ASN A 1 35 ? -18.690 3.654   12.106  1.00 66.47  ?  35  ASN A CB  1 
ATOM   271 C  CG  . ASN A 1 35 ? -19.324 4.217   13.381  1.00 66.47  ?  35  ASN A CG  1 
ATOM   272 O  OD1 . ASN A 1 35 ? -20.405 3.798   13.793  1.00 66.47  ?  35  ASN A OD1 1 
ATOM   273 N  ND2 . ASN A 1 35 ? -18.657 5.182   13.992  1.00 66.47  ?  35  ASN A ND2 1 
ATOM   274 N  N   . ILE A 1 36 ? -19.624 6.373   10.884  1.00 56.93  ?  36  ILE A N   1 
ATOM   275 C  CA  . ILE A 1 36 ? -20.244 7.686   11.077  1.00 56.93  ?  36  ILE A CA  1 
ATOM   276 C  C   . ILE A 1 36 ? -21.490 7.821   10.211  1.00 56.93  ?  36  ILE A C   1 
ATOM   277 O  O   . ILE A 1 36 ? -22.521 8.379   10.617  1.00 56.93  ?  36  ILE A O   1 
ATOM   278 C  CB  . ILE A 1 36 ? -19.280 8.809   10.665  1.00 23.59  ?  36  ILE A CB  1 
ATOM   279 C  CG1 . ILE A 1 36 ? -18.184 9.021   11.716  1.00 23.59  ?  36  ILE A CG1 1 
ATOM   280 C  CG2 . ILE A 1 36 ? -20.044 10.098  10.356  1.00 23.59  ?  36  ILE A CG2 1 
ATOM   281 C  CD1 . ILE A 1 36 ? -17.064 9.905   11.210  1.00 23.59  ?  36  ILE A CD1 1 
ATOM   282 N  N   . VAL A 1 37 ? -21.382 7.281   9.009   1.00 49.17  ?  37  VAL A N   1 
ATOM   283 C  CA  . VAL A 1 37 ? -22.465 7.321   8.055   1.00 49.17  ?  37  VAL A CA  1 
ATOM   284 C  C   . VAL A 1 37 ? -23.626 6.371   8.417   1.00 49.17  ?  37  VAL A C   1 
ATOM   285 O  O   . VAL A 1 37 ? -24.792 6.730   8.261   1.00 49.17  ?  37  VAL A O   1 
ATOM   286 C  CB  . VAL A 1 37 ? -21.891 7.045   6.691   1.00 23.68  ?  37  VAL A CB  1 
ATOM   287 C  CG1 . VAL A 1 37 ? -22.988 6.652   5.708   1.00 23.68  ?  37  VAL A CG1 1 
ATOM   288 C  CG2 . VAL A 1 37 ? -21.099 8.275   6.262   1.00 23.68  ?  37  VAL A CG2 1 
ATOM   289 N  N   . SER A 1 38 ? -23.334 5.176   8.923   1.00 50.47  ?  38  SER A N   1 
ATOM   290 C  CA  . SER A 1 38 ? -24.438 4.363   9.428   1.00 50.47  ?  38  SER A CA  1 
ATOM   291 C  C   . SER A 1 38 ? -24.197 3.699   10.791  1.00 50.47  ?  38  SER A C   1 
ATOM   292 O  O   . SER A 1 38 ? -24.798 4.085   11.808  1.00 50.47  ?  38  SER A O   1 
ATOM   293 C  CB  . SER A 1 38 ? -24.782 3.279   8.405   1.00 88.76  ?  38  SER A CB  1 
ATOM   294 O  OG  . SER A 1 38 ? -25.278 3.849   7.205   1.00 88.76  ?  38  SER A OG  1 
ATOM   295 N  N   . ASP B 1 2  ? 17.241  -19.521 -1.798  1.00 94.59  ?  2   ASP B N   1 
ATOM   296 C  CA  . ASP B 1 2  ? 17.619  -19.511 -3.208  1.00 94.59  ?  2   ASP B CA  1 
ATOM   297 C  C   . ASP B 1 2  ? 16.498  -19.089 -4.166  1.00 94.59  ?  2   ASP B C   1 
ATOM   298 O  O   . ASP B 1 2  ? 16.502  -19.480 -5.315  1.00 94.59  ?  2   ASP B O   1 
ATOM   299 C  CB  . ASP B 1 2  ? 18.107  -20.908 -3.608  1.00 69.26  ?  2   ASP B CB  1 
ATOM   300 C  CG  . ASP B 1 2  ? 17.136  -22.002 -3.179  1.00 69.26  ?  2   ASP B CG  1 
ATOM   301 O  OD1 . ASP B 1 2  ? 16.233  -21.684 -2.364  1.00 69.26  ?  2   ASP B OD1 1 
ATOM   302 O  OD2 . ASP B 1 2  ? 17.273  -23.165 -3.646  1.00 69.26  ?  2   ASP B OD2 1 
ATOM   303 N  N   . PRO B 1 3  ? 15.571  -18.211 -3.715  1.00 90.20  ?  3   PRO B N   1 
ATOM   304 C  CA  . PRO B 1 3  ? 14.316  -18.084 -4.463  1.00 90.20  ?  3   PRO B CA  1 
ATOM   305 C  C   . PRO B 1 3  ? 14.387  -17.042 -5.594  1.00 90.20  ?  3   PRO B C   1 
ATOM   306 O  O   . PRO B 1 3  ? 13.541  -16.139 -5.639  1.00 90.20  ?  3   PRO B O   1 
ATOM   307 C  CB  . PRO B 1 3  ? 13.372  -17.600 -3.367  1.00 98.11  ?  3   PRO B CB  1 
ATOM   308 C  CG  . PRO B 1 3  ? 14.268  -16.629 -2.577  1.00 98.11  ?  3   PRO B CG  1 
ATOM   309 C  CD  . PRO B 1 3  ? 15.713  -17.113 -2.760  1.00 98.11  ?  3   PRO B CD  1 
ATOM   310 N  N   . ASP B 1 4  ? 15.366  -17.204 -6.490  1.00 90.00  ?  4   ASP B N   1 
ATOM   311 C  CA  . ASP B 1 4  ? 15.631  -16.323 -7.636  1.00 90.00  ?  4   ASP B CA  1 
ATOM   312 C  C   . ASP B 1 4  ? 15.226  -14.867 -7.434  1.00 90.00  ?  4   ASP B C   1 
ATOM   313 O  O   . ASP B 1 4  ? 14.071  -14.493 -7.623  1.00 90.00  ?  4   ASP B O   1 
ATOM   314 C  CB  . ASP B 1 4  ? 15.018  -16.878 -8.931  1.00 48.21  ?  4   ASP B CB  1 
ATOM   315 C  CG  . ASP B 1 4  ? 15.684  -16.304 -10.171 1.00 48.21  ?  4   ASP B CG  1 
ATOM   316 O  OD1 . ASP B 1 4  ? 16.390  -15.273 -10.060 1.00 48.21  ?  4   ASP B OD1 1 
ATOM   317 O  OD2 . ASP B 1 4  ? 15.516  -16.880 -11.260 1.00 48.21  ?  4   ASP B OD2 1 
ATOM   318 N  N   . LEU B 1 5  ? 16.195  -14.050 -7.060  1.00 45.83  ?  5   LEU B N   1 
ATOM   319 C  CA  . LEU B 1 5  ? 15.925  -12.667 -6.757  1.00 45.83  ?  5   LEU B CA  1 
ATOM   320 C  C   . LEU B 1 5  ? 15.312  -11.992 -7.969  1.00 45.83  ?  5   LEU B C   1 
ATOM   321 O  O   . LEU B 1 5  ? 14.406  -11.184 -7.817  1.00 45.83  ?  5   LEU B O   1 
ATOM   322 C  CB  . LEU B 1 5  ? 17.202  -11.943 -6.290  1.00 65.20  ?  5   LEU B CB  1 
ATOM   323 C  CG  . LEU B 1 5  ? 17.727  -12.273 -4.880  1.00 65.20  ?  5   LEU B CG  1 
ATOM   324 C  CD1 . LEU B 1 5  ? 16.572  -12.243 -3.846  1.00 65.20  ?  5   LEU B CD1 1 
ATOM   325 C  CD2 . LEU B 1 5  ? 18.506  -13.614 -4.815  1.00 65.20  ?  5   LEU B CD2 1 
ATOM   326 N  N   . GLU B 1 6  ? 15.821  -12.303 -9.165  1.00 51.73  ?  6   GLU B N   1 
ATOM   327 C  CA  . GLU B 1 6  ? 15.317  -11.720 -10.422 1.00 51.73  ?  6   GLU B CA  1 
ATOM   328 C  C   . GLU B 1 6  ? 13.790  -11.731 -10.401 1.00 51.73  ?  6   GLU B C   1 
ATOM   329 O  O   . GLU B 1 6  ? 13.138  -10.685 -10.573 1.00 51.73  ?  6   GLU B O   1 
ATOM   330 C  CB  . GLU B 1 6  ? 15.811  -12.540 -11.616 1.00 59.36  ?  6   GLU B CB  1 
ATOM   331 C  CG  . GLU B 1 6  ? 17.170  -12.174 -12.157 1.00 59.36  ?  6   GLU B CG  1 
ATOM   332 C  CD  . GLU B 1 6  ? 17.064  -11.485 -13.497 1.00 59.36  ?  6   GLU B CD  1 
ATOM   333 O  OE1 . GLU B 1 6  ? 16.847  -10.252 -13.471 1.00 59.36  ?  6   GLU B OE1 1 
ATOM   334 O  OE2 . GLU B 1 6  ? 17.171  -12.168 -14.552 1.00 59.36  ?  6   GLU B OE2 1 
ATOM   335 N  N   . ILE B 1 7  ? 13.262  -12.925 -10.119 1.00 54.37  ?  7   ILE B N   1 
ATOM   336 C  CA  . ILE B 1 7  ? 11.839  -13.201 -9.891  1.00 54.37  ?  7   ILE B CA  1 
ATOM   337 C  C   . ILE B 1 7  ? 11.280  -12.459 -8.678  1.00 54.37  ?  7   ILE B C   1 
ATOM   338 O  O   . ILE B 1 7  ? 10.384  -11.625 -8.839  1.00 54.37  ?  7   ILE B O   1 
ATOM   339 C  CB  . ILE B 1 7  ? 11.592  -14.725 -9.645  1.00 40.64  ?  7   ILE B CB  1 
ATOM   340 C  CG1 . ILE B 1 7  ? 11.995  -15.568 -10.870 1.00 40.64  ?  7   ILE B CG1 1 
ATOM   341 C  CG2 . ILE B 1 7  ? 10.139  -14.979 -9.201  1.00 40.64  ?  7   ILE B CG2 1 
ATOM   342 C  CD1 . ILE B 1 7  ? 10.828  -16.000 -11.772 1.00 40.64  ?  7   ILE B CD1 1 
ATOM   343 N  N   . ARG B 1 8  ? 11.811  -12.770 -7.484  1.00 51.68  ?  8   ARG B N   1 
ATOM   344 C  CA  . ARG B 1 8  ? 11.310  -12.191 -6.240  1.00 51.68  ?  8   ARG B CA  1 
ATOM   345 C  C   . ARG B 1 8  ? 11.118  -10.667 -6.320  1.00 51.68  ?  8   ARG B C   1 
ATOM   346 O  O   . ARG B 1 8  ? 10.095  -10.142 -5.883  1.00 51.68  ?  8   ARG B O   1 
ATOM   347 C  CB  . ARG B 1 8  ? 12.175  -12.578 -5.036  1.00 101.25 ?  8   ARG B CB  1 
ATOM   348 C  CG  . ARG B 1 8  ? 11.824  -11.765 -3.775  1.00 101.25 ?  8   ARG B CG  1 
ATOM   349 C  CD  . ARG B 1 8  ? 12.171  -12.472 -2.469  1.00 101.25 ?  8   ARG B CD  1 
ATOM   350 N  NE  . ARG B 1 8  ? 11.571  -11.808 -1.307  1.00 101.25 ?  8   ARG B NE  1 
ATOM   351 C  CZ  . ARG B 1 8  ? 10.273  -11.839 -0.998  1.00 101.25 ?  8   ARG B CZ  1 
ATOM   352 N  NH1 . ARG B 1 8  ? 9.402   -12.489 -1.764  1.00 101.25 ?  8   ARG B NH1 1 
ATOM   353 N  NH2 . ARG B 1 8  ? 9.837   -11.207 0.083   1.00 101.25 ?  8   ARG B NH2 1 
ATOM   354 N  N   . ALA B 1 9  ? 12.089  -9.969  -6.917  1.00 35.16  ?  9   ALA B N   1 
ATOM   355 C  CA  . ALA B 1 9  ? 12.057  -8.504  -7.058  1.00 35.16  ?  9   ALA B CA  1 
ATOM   356 C  C   . ALA B 1 9  ? 10.912  -8.116  -7.937  1.00 35.16  ?  9   ALA B C   1 
ATOM   357 O  O   . ALA B 1 9  ? 10.117  -7.253  -7.581  1.00 35.16  ?  9   ALA B O   1 
ATOM   358 C  CB  . ALA B 1 9  ? 13.344  -7.986  -7.666  1.00 4.92   ?  9   ALA B CB  1 
ATOM   359 N  N   . ALA B 1 10 ? 10.864  -8.747  -9.103  1.00 24.95  ?  10  ALA B N   1 
ATOM   360 C  CA  . ALA B 1 10 ? 9.759   -8.573  -10.016 1.00 24.95  ?  10  ALA B CA  1 
ATOM   361 C  C   . ALA B 1 10 ? 8.406   -8.749  -9.332  1.00 24.95  ?  10  ALA B C   1 
ATOM   362 O  O   . ALA B 1 10 ? 7.470   -7.963  -9.542  1.00 24.95  ?  10  ALA B O   1 
ATOM   363 C  CB  . ALA B 1 10 ? 9.885   -9.537  -11.147 1.00 36.72  ?  10  ALA B CB  1 
ATOM   364 N  N   . PHE B 1 11 ? 8.294   -9.797  -8.537  1.00 50.88  ?  11  PHE B N   1 
ATOM   365 C  CA  . PHE B 1 11 ? 7.052   -10.092 -7.864  1.00 50.88  ?  11  PHE B CA  1 
ATOM   366 C  C   . PHE B 1 11 ? 6.727   -8.936  -6.940  1.00 50.88  ?  11  PHE B C   1 
ATOM   367 O  O   . PHE B 1 11 ? 5.599   -8.439  -6.916  1.00 50.88  ?  11  PHE B O   1 
ATOM   368 C  CB  . PHE B 1 11 ? 7.225   -11.378 -7.070  1.00 65.86  ?  11  PHE B CB  1 
ATOM   369 C  CG  . PHE B 1 11 ? 6.089   -11.692 -6.140  1.00 65.86  ?  11  PHE B CG  1 
ATOM   370 C  CD1 . PHE B 1 11 ? 5.002   -12.435 -6.583  1.00 65.86  ?  11  PHE B CD1 1 
ATOM   371 C  CD2 . PHE B 1 11 ? 6.130   -11.286 -4.806  1.00 65.86  ?  11  PHE B CD2 1 
ATOM   372 C  CE1 . PHE B 1 11 ? 3.966   -12.751 -5.729  1.00 65.86  ?  11  PHE B CE1 1 
ATOM   373 C  CE2 . PHE B 1 11 ? 5.107   -11.592 -3.944  1.00 65.86  ?  11  PHE B CE2 1 
ATOM   374 C  CZ  . PHE B 1 11 ? 4.021   -12.327 -4.401  1.00 65.86  ?  11  PHE B CZ  1 
ATOM   375 N  N   . LEU B 1 12 ? 7.736   -8.506  -6.189  1.00 55.29  ?  12  LEU B N   1 
ATOM   376 C  CA  . LEU B 1 12 ? 7.547   -7.439  -5.227  1.00 55.29  ?  12  LEU B CA  1 
ATOM   377 C  C   . LEU B 1 12 ? 7.134   -6.161  -5.932  1.00 55.29  ?  12  LEU B C   1 
ATOM   378 O  O   . LEU B 1 12 ? 6.309   -5.424  -5.420  1.00 55.29  ?  12  LEU B O   1 
ATOM   379 C  CB  . LEU B 1 12 ? 8.794   -7.218  -4.366  1.00 39.19  ?  12  LEU B CB  1 
ATOM   380 C  CG  . LEU B 1 12 ? 9.096   -8.204  -3.229  1.00 39.19  ?  12  LEU B CG  1 
ATOM   381 C  CD1 . LEU B 1 12 ? 10.189  -7.630  -2.375  1.00 39.19  ?  12  LEU B CD1 1 
ATOM   382 C  CD2 . LEU B 1 12 ? 7.902   -8.566  -2.354  1.00 39.19  ?  12  LEU B CD2 1 
ATOM   383 N  N   . GLU B 1 13 ? 7.704   -5.901  -7.105  1.00 46.25  ?  13  GLU B N   1 
ATOM   384 C  CA  . GLU B 1 13 ? 7.325   -4.714  -7.861  1.00 46.25  ?  13  GLU B CA  1 
ATOM   385 C  C   . GLU B 1 13 ? 5.841   -4.764  -8.172  1.00 46.25  ?  13  GLU B C   1 
ATOM   386 O  O   . GLU B 1 13 ? 5.127   -3.814  -7.852  1.00 46.25  ?  13  GLU B O   1 
ATOM   387 C  CB  . GLU B 1 13 ? 8.140   -4.545  -9.143  1.00 69.88  ?  13  GLU B CB  1 
ATOM   388 C  CG  . GLU B 1 13 ? 9.448   -3.835  -8.953  1.00 69.88  ?  13  GLU B CG  1 
ATOM   389 C  CD  . GLU B 1 13 ? 10.356  -4.004  -10.142 1.00 69.88  ?  13  GLU B CD  1 
ATOM   390 O  OE1 . GLU B 1 13 ? 9.831   -3.920  -11.271 1.00 69.88  ?  13  GLU B OE1 1 
ATOM   391 O  OE2 . GLU B 1 13 ? 11.574  -4.241  -9.952  1.00 69.88  ?  13  GLU B OE2 1 
ATOM   392 N  N   . LYS B 1 14 ? 5.372   -5.883  -8.739  1.00 53.65  ?  14  LYS B N   1 
ATOM   393 C  CA  . LYS B 1 14 ? 3.956   -6.020  -9.075  1.00 53.65  ?  14  LYS B CA  1 
ATOM   394 C  C   . LYS B 1 14 ? 3.124   -5.775  -7.831  1.00 53.65  ?  14  LYS B C   1 
ATOM   395 O  O   . LYS B 1 14 ? 2.126   -5.038  -7.878  1.00 53.65  ?  14  LYS B O   1 
ATOM   396 C  CB  . LYS B 1 14 ? 3.643   -7.402  -9.645  1.00 62.29  ?  14  LYS B CB  1 
ATOM   397 C  CG  . LYS B 1 14 ? 2.140   -7.742  -9.744  1.00 62.29  ?  14  LYS B CG  1 
ATOM   398 C  CD  . LYS B 1 14 ? 1.441   -7.004  -10.893 1.00 62.29  ?  14  LYS B CD  1 
ATOM   399 C  CE  . LYS B 1 14 ? 1.000   -7.968  -12.008 1.00 62.29  ?  14  LYS B CE  1 
ATOM   400 N  NZ  . LYS B 1 14 ? 0.078   -9.045  -11.507 1.00 62.29  ?  14  LYS B NZ  1 
ATOM   401 N  N   . GLU B 1 15 ? 3.558   -6.351  -6.709  1.00 53.30  ?  15  GLU B N   1 
ATOM   402 C  CA  . GLU B 1 15 ? 2.797   -6.219  -5.464  1.00 53.30  ?  15  GLU B CA  1 
ATOM   403 C  C   . GLU B 1 15 ? 2.729   -4.764  -5.056  1.00 53.30  ?  15  GLU B C   1 
ATOM   404 O  O   . GLU B 1 15 ? 1.655   -4.188  -4.953  1.00 53.30  ?  15  GLU B O   1 
ATOM   405 C  CB  . GLU B 1 15 ? 3.364   -7.093  -4.325  1.00 86.55  ?  15  GLU B CB  1 
ATOM   406 C  CG  . GLU B 1 15 ? 2.408   -7.218  -3.104  1.00 86.55  ?  15  GLU B CG  1 
ATOM   407 C  CD  . GLU B 1 15 ? 2.654   -8.459  -2.241  1.00 86.55  ?  15  GLU B CD  1 
ATOM   408 O  OE1 . GLU B 1 15 ? 3.765   -8.602  -1.679  1.00 86.55  ?  15  GLU B OE1 1 
ATOM   409 O  OE2 . GLU B 1 15 ? 1.720   -9.284  -2.112  1.00 86.55  ?  15  GLU B OE2 1 
ATOM   410 N  N   . ASN B 1 16 ? 3.905   -4.198  -4.850  1.00 29.31  ?  16  ASN B N   1 
ATOM   411 C  CA  . ASN B 1 16 ? 4.112   -2.789  -4.572  1.00 29.31  ?  16  ASN B CA  1 
ATOM   412 C  C   . ASN B 1 16 ? 3.201   -1.875  -5.421  1.00 29.31  ?  16  ASN B C   1 
ATOM   413 O  O   . ASN B 1 16 ? 2.519   -1.016  -4.876  1.00 29.31  ?  16  ASN B O   1 
ATOM   414 C  CB  . ASN B 1 16 ? 5.636   -2.518  -4.772  1.00 63.98  ?  16  ASN B CB  1 
ATOM   415 C  CG  . ASN B 1 16 ? 6.039   -1.046  -4.653  1.00 63.98  ?  16  ASN B CG  1 
ATOM   416 O  OD1 . ASN B 1 16 ? 6.107   -0.307  -5.655  1.00 63.98  ?  16  ASN B OD1 1 
ATOM   417 N  ND2 . ASN B 1 16 ? 6.394   -0.639  -3.442  1.00 63.98  ?  16  ASN B ND2 1 
ATOM   418 N  N   . THR B 1 17 ? 3.153   -2.073  -6.736  1.00 42.56  ?  17  THR B N   1 
ATOM   419 C  CA  . THR B 1 17 ? 2.370   -1.171  -7.575  1.00 42.56  ?  17  THR B CA  1 
ATOM   420 C  C   . THR B 1 17 ? 0.909   -1.327  -7.226  1.00 42.56  ?  17  THR B C   1 
ATOM   421 O  O   . THR B 1 17 ? 0.153   -0.360  -7.133  1.00 42.56  ?  17  THR B O   1 
ATOM   422 C  CB  . THR B 1 17 ? 2.492   -1.463  -9.076  1.00 42.25  ?  17  THR B CB  1 
ATOM   423 O  OG1 . THR B 1 17 ? 3.846   -1.791  -9.418  1.00 42.25  ?  17  THR B OG1 1 
ATOM   424 C  CG2 . THR B 1 17 ? 2.052   -0.232  -9.846  1.00 42.25  ?  17  THR B CG2 1 
ATOM   425 N  N   . ALA B 1 18 ? 0.513   -2.585  -7.051  1.00 52.27  ?  18  ALA B N   1 
ATOM   426 C  CA  . ALA B 1 18 ? -0.859  -2.919  -6.713  1.00 52.27  ?  18  ALA B CA  1 
ATOM   427 C  C   . ALA B 1 18 ? -1.268  -2.256  -5.412  1.00 52.27  ?  18  ALA B C   1 
ATOM   428 O  O   . ALA B 1 18 ? -2.390  -1.784  -5.261  1.00 52.27  ?  18  ALA B O   1 
ATOM   429 C  CB  . ALA B 1 18 ? -0.995  -4.405  -6.593  1.00 53.57  ?  18  ALA B CB  1 
ATOM   430 N  N   . LEU B 1 19 ? -0.324  -2.212  -4.483  1.00 39.88  ?  19  LEU B N   1 
ATOM   431 C  CA  . LEU B 1 19 ? -0.518  -1.593  -3.181  1.00 39.88  ?  19  LEU B CA  1 
ATOM   432 C  C   . LEU B 1 19 ? -0.644  -0.087  -3.296  1.00 39.88  ?  19  LEU B C   1 
ATOM   433 O  O   . LEU B 1 19 ? -1.526  0.498   -2.671  1.00 39.88  ?  19  LEU B O   1 
ATOM   434 C  CB  . LEU B 1 19 ? 0.673   -1.874  -2.271  1.00 38.14  ?  19  LEU B CB  1 
ATOM   435 C  CG  . LEU B 1 19 ? 0.821   -3.204  -1.534  1.00 38.14  ?  19  LEU B CG  1 
ATOM   436 C  CD1 . LEU B 1 19 ? 2.298   -3.502  -1.364  1.00 38.14  ?  19  LEU B CD1 1 
ATOM   437 C  CD2 . LEU B 1 19 ? 0.162   -3.175  -0.172  1.00 38.14  ?  19  LEU B CD2 1 
ATOM   438 N  N   . ARG B 1 20 ? 0.272   0.527   -4.044  1.00 45.46  ?  20  ARG B N   1 
ATOM   439 C  CA  . ARG B 1 20 ? 0.307   1.977   -4.220  1.00 45.46  ?  20  ARG B CA  1 
ATOM   440 C  C   . ARG B 1 20 ? -1.070  2.394   -4.690  1.00 45.46  ?  20  ARG B C   1 
ATOM   441 O  O   . ARG B 1 20 ? -1.632  3.418   -4.278  1.00 45.46  ?  20  ARG B O   1 
ATOM   442 C  CB  . ARG B 1 20 ? 1.346   2.368   -5.286  1.00 63.70  ?  20  ARG B CB  1 
ATOM   443 C  CG  . ARG B 1 20 ? 2.809   2.224   -4.856  1.00 63.70  ?  20  ARG B CG  1 
ATOM   444 C  CD  . ARG B 1 20 ? 3.804   2.580   -5.981  1.00 63.70  ?  20  ARG B CD  1 
ATOM   445 N  NE  . ARG B 1 20 ? 5.195   2.644   -5.519  1.00 63.70  ?  20  ARG B NE  1 
ATOM   446 C  CZ  . ARG B 1 20 ? 5.659   3.471   -4.574  1.00 63.70  ?  20  ARG B CZ  1 
ATOM   447 N  NH1 . ARG B 1 20 ? 4.862   4.325   -3.941  1.00 63.70  ?  20  ARG B NH1 1 
ATOM   448 N  NH2 . ARG B 1 20 ? 6.941   3.438   -4.246  1.00 63.70  ?  20  ARG B NH2 1 
ATOM   449 N  N   . THR B 1 21 ? -1.610  1.549   -5.557  1.00 31.98  ?  21  THR B N   1 
ATOM   450 C  CA  . THR B 1 21 ? -2.945  1.685   -6.102  1.00 31.98  ?  21  THR B CA  1 
ATOM   451 C  C   . THR B 1 21 ? -4.027  1.623   -5.041  1.00 31.98  ?  21  THR B C   1 
ATOM   452 O  O   . THR B 1 21 ? -4.891  2.497   -4.981  1.00 31.98  ?  21  THR B O   1 
ATOM   453 C  CB  . THR B 1 21 ? -3.153  0.574   -7.117  1.00 36.99  ?  21  THR B CB  1 
ATOM   454 O  OG1 . THR B 1 21 ? -2.413  0.927   -8.286  1.00 36.99  ?  21  THR B OG1 1 
ATOM   455 C  CG2 . THR B 1 21 ? -4.614  0.359   -7.446  1.00 36.99  ?  21  THR B CG2 1 
ATOM   456 N  N   . GLU B 1 22 ? -3.989  0.567   -4.224  1.00 53.77  ?  22  GLU B N   1 
ATOM   457 C  CA  . GLU B 1 22 ? -4.994  0.381   -3.180  1.00 53.77  ?  22  GLU B CA  1 
ATOM   458 C  C   . GLU B 1 22 ? -5.001  1.619   -2.321  1.00 53.77  ?  22  GLU B C   1 
ATOM   459 O  O   . GLU B 1 22 ? -6.071  2.138   -2.002  1.00 53.77  ?  22  GLU B O   1 
ATOM   460 C  CB  . GLU B 1 22 ? -4.754  -0.876  -2.307  1.00 63.62  ?  22  GLU B CB  1 
ATOM   461 C  CG  . GLU B 1 22 ? -6.021  -1.371  -1.523  1.00 63.62  ?  22  GLU B CG  1 
ATOM   462 C  CD  . GLU B 1 22 ? -5.804  -2.577  -0.539  1.00 63.62  ?  22  GLU B CD  1 
ATOM   463 O  OE1 . GLU B 1 22 ? -4.895  -3.417  -0.743  1.00 63.62  ?  22  GLU B OE1 1 
ATOM   464 O  OE2 . GLU B 1 22 ? -6.572  -2.698  0.452   1.00 63.62  ?  22  GLU B OE2 1 
ATOM   465 N  N   . VAL B 1 23 ? -3.805  2.094   -1.975  1.00 55.11  ?  23  VAL B N   1 
ATOM   466 C  CA  . VAL B 1 23 ? -3.632  3.323   -1.195  1.00 55.11  ?  23  VAL B CA  1 
ATOM   467 C  C   . VAL B 1 23 ? -4.243  4.537   -1.889  1.00 55.11  ?  23  VAL B C   1 
ATOM   468 O  O   . VAL B 1 23 ? -4.876  5.380   -1.249  1.00 55.11  ?  23  VAL B O   1 
ATOM   469 C  CB  . VAL B 1 23 ? -2.150  3.627   -0.909  1.00 25.45  ?  23  VAL B CB  1 
ATOM   470 C  CG1 . VAL B 1 23 ? -1.976  5.054   -0.424  1.00 25.45  ?  23  VAL B CG1 1 
ATOM   471 C  CG2 . VAL B 1 23 ? -1.617  2.684   0.123   1.00 25.45  ?  23  VAL B CG2 1 
ATOM   472 N  N   . ALA B 1 24 ? -4.039  4.629   -3.197  1.00 36.66  ?  24  ALA B N   1 
ATOM   473 C  CA  . ALA B 1 24 ? -4.671  5.678   -3.971  1.00 36.66  ?  24  ALA B CA  1 
ATOM   474 C  C   . ALA B 1 24 ? -6.166  5.711   -3.680  1.00 36.66  ?  24  ALA B C   1 
ATOM   475 O  O   . ALA B 1 24 ? -6.685  6.720   -3.169  1.00 36.66  ?  24  ALA B O   1 
ATOM   476 C  CB  . ALA B 1 24 ? -4.427  5.453   -5.458  1.00 45.41  ?  24  ALA B CB  1 
ATOM   477 N  N   . GLU B 1 25 ? -6.834  4.594   -3.993  1.00 55.92  ?  25  GLU B N   1 
ATOM   478 C  CA  . GLU B 1 25 ? -8.295  4.496   -3.913  1.00 55.92  ?  25  GLU B CA  1 
ATOM   479 C  C   . GLU B 1 25 ? -8.781  4.794   -2.488  1.00 55.92  ?  25  GLU B C   1 
ATOM   480 O  O   . GLU B 1 25 ? -9.817  5.438   -2.267  1.00 55.92  ?  25  GLU B O   1 
ATOM   481 C  CB  . GLU B 1 25 ? -8.764  3.097   -4.328  1.00 79.99  ?  25  GLU B CB  1 
ATOM   482 C  CG  . GLU B 1 25 ? -8.302  2.582   -5.695  1.00 79.99  ?  25  GLU B CG  1 
ATOM   483 C  CD  . GLU B 1 25 ? -8.926  1.209   -6.027  1.00 79.99  ?  25  GLU B CD  1 
ATOM   484 O  OE1 . GLU B 1 25 ? -10.116 1.186   -6.418  1.00 79.99  ?  25  GLU B OE1 1 
ATOM   485 O  OE2 . GLU B 1 25 ? -8.243  0.157   -5.891  1.00 79.99  ?  25  GLU B OE2 1 
ATOM   486 N  N   . LEU B 1 26 ? -8.014  4.309   -1.528  1.00 47.65  ?  26  LEU B N   1 
ATOM   487 C  CA  . LEU B 1 26 ? -8.329  4.484   -0.126  1.00 47.65  ?  26  LEU B CA  1 
ATOM   488 C  C   . LEU B 1 26 ? -8.252  5.954   0.282   1.00 47.65  ?  26  LEU B C   1 
ATOM   489 O  O   . LEU B 1 26 ? -9.101  6.466   1.019   1.00 47.65  ?  26  LEU B O   1 
ATOM   490 C  CB  . LEU B 1 26 ? -7.376  3.620   0.708   1.00 30.45  ?  26  LEU B CB  1 
ATOM   491 C  CG  . LEU B 1 26 ? -7.928  2.195   0.886   1.00 30.45  ?  26  LEU B CG  1 
ATOM   492 C  CD1 . LEU B 1 26 ? -7.120  1.282   1.816   1.00 30.45  ?  26  LEU B CD1 1 
ATOM   493 C  CD2 . LEU B 1 26 ? -9.335  2.331   1.405   1.00 30.45  ?  26  LEU B CD2 1 
ATOM   494 N  N   . ARG B 1 27 ? -7.229  6.634   -0.205  1.00 40.04  ?  27  ARG B N   1 
ATOM   495 C  CA  . ARG B 1 27 ? -7.097  8.053   0.027   1.00 40.04  ?  27  ARG B CA  1 
ATOM   496 C  C   . ARG B 1 27 ? -8.327  8.761   -0.485  1.00 40.04  ?  27  ARG B C   1 
ATOM   497 O  O   . ARG B 1 27 ? -8.851  9.655   0.174   1.00 40.04  ?  27  ARG B O   1 
ATOM   498 C  CB  . ARG B 1 27 ? -5.908  8.599   -0.760  1.00 66.17  ?  27  ARG B CB  1 
ATOM   499 C  CG  . ARG B 1 27 ? -4.552  8.262   -0.199  1.00 66.17  ?  27  ARG B CG  1 
ATOM   500 C  CD  . ARG B 1 27 ? -3.504  9.306   -0.616  1.00 66.17  ?  27  ARG B CD  1 
ATOM   501 N  NE  . ARG B 1 27 ? -2.144  8.839   -0.376  1.00 66.17  ?  27  ARG B NE  1 
ATOM   502 C  CZ  . ARG B 1 27 ? -1.631  8.589   0.828   1.00 66.17  ?  27  ARG B CZ  1 
ATOM   503 N  NH1 . ARG B 1 27 ? -2.358  8.761   1.936   1.00 66.17  ?  27  ARG B NH1 1 
ATOM   504 N  NH2 . ARG B 1 27 ? -0.378  8.159   0.930   1.00 66.17  ?  27  ARG B NH2 1 
ATOM   505 N  N   . LYS B 1 28 ? -8.752  8.370   -1.685  1.00 46.03  ?  28  LYS B N   1 
ATOM   506 C  CA  . LYS B 1 28 ? -9.862  9.021   -2.363  1.00 46.03  ?  28  LYS B CA  1 
ATOM   507 C  C   . LYS B 1 28 ? -11.113 8.857   -1.507  1.00 46.03  ?  28  LYS B C   1 
ATOM   508 O  O   . LYS B 1 28 ? -11.853 9.821   -1.235  1.00 46.03  ?  28  LYS B O   1 
ATOM   509 C  CB  . LYS B 1 28 ? -10.054 8.416   -3.760  1.00 72.02  ?  28  LYS B CB  1 
ATOM   510 C  CG  . LYS B 1 28 ? -11.085 9.129   -4.634  1.00 72.02  ?  28  LYS B CG  1 
ATOM   511 C  CD  . LYS B 1 28 ? -11.175 8.537   -6.042  1.00 72.02  ?  28  LYS B CD  1 
ATOM   512 C  CE  . LYS B 1 28 ? -12.441 9.030   -6.793  1.00 72.02  ?  28  LYS B CE  1 
ATOM   513 N  NZ  . LYS B 1 28 ? -12.258 10.232  -7.706  1.00 72.02  ?  28  LYS B NZ  1 
ATOM   514 N  N   . GLU B 1 29 ? -11.317 7.625   -1.061  1.00 44.25  ?  29  GLU B N   1 
ATOM   515 C  CA  . GLU B 1 29 ? -12.441 7.296   -0.200  1.00 44.25  ?  29  GLU B CA  1 
ATOM   516 C  C   . GLU B 1 29 ? -12.446 8.168   1.069   1.00 44.25  ?  29  GLU B C   1 
ATOM   517 O  O   . GLU B 1 29 ? -13.475 8.720   1.461   1.00 44.25  ?  29  GLU B O   1 
ATOM   518 C  CB  . GLU B 1 29 ? -12.410 5.804   0.155   1.00 40.81  ?  29  GLU B CB  1 
ATOM   519 C  CG  . GLU B 1 29 ? -13.784 5.251   0.504   1.00 40.81  ?  29  GLU B CG  1 
ATOM   520 C  CD  . GLU B 1 29 ? -14.508 4.771   -0.714  1.00 40.81  ?  29  GLU B CD  1 
ATOM   521 O  OE1 . GLU B 1 29 ? -13.904 3.917   -1.395  1.00 40.81  ?  29  GLU B OE1 1 
ATOM   522 O  OE2 . GLU B 1 29 ? -15.637 5.256   -0.992  1.00 40.81  ?  29  GLU B OE2 1 
ATOM   523 N  N   . VAL B 1 30 ? -11.282 8.304   1.695   1.00 39.96  ?  30  VAL B N   1 
ATOM   524 C  CA  . VAL B 1 30 ? -11.142 9.169   2.857   1.00 39.96  ?  30  VAL B CA  1 
ATOM   525 C  C   . VAL B 1 30 ? -11.459 10.633  2.536   1.00 39.96  ?  30  VAL B C   1 
ATOM   526 O  O   . VAL B 1 30 ? -12.113 11.315  3.304   1.00 39.96  ?  30  VAL B O   1 
ATOM   527 C  CB  . VAL B 1 30 ? -9.716  9.080   3.453   1.00 17.91  ?  30  VAL B CB  1 
ATOM   528 C  CG1 . VAL B 1 30 ? -9.402  10.327  4.242   1.00 17.91  ?  30  VAL B CG1 1 
ATOM   529 C  CG2 . VAL B 1 30 ? -9.579  7.858   4.358   1.00 17.91  ?  30  VAL B CG2 1 
ATOM   530 N  N   . GLY B 1 31 ? -10.956 11.121  1.418   1.00 33.20  ?  31  GLY B N   1 
ATOM   531 C  CA  . GLY B 1 31 ? -11.292 12.460  1.001   1.00 33.20  ?  31  GLY B CA  1 
ATOM   532 C  C   . GLY B 1 31 ? -12.801 12.651  0.947   1.00 33.20  ?  31  GLY B C   1 
ATOM   533 O  O   . GLY B 1 31 ? -13.327 13.620  1.503   1.00 33.20  ?  31  GLY B O   1 
ATOM   534 N  N   . ARG B 1 32 ? -13.511 11.740  0.286   1.00 45.51  ?  32  ARG B N   1 
ATOM   535 C  CA  . ARG B 1 32 ? -14.964 11.841  0.258   1.00 45.51  ?  32  ARG B CA  1 
ATOM   536 C  C   . ARG B 1 32 ? -15.525 11.918  1.684   1.00 45.51  ?  32  ARG B C   1 
ATOM   537 O  O   . ARG B 1 32 ? -16.397 12.720  1.972   1.00 45.51  ?  32  ARG B O   1 
ATOM   538 C  CB  . ARG B 1 32 ? -15.580 10.693  -0.555  1.00 71.39  ?  32  ARG B CB  1 
ATOM   539 C  CG  . ARG B 1 32 ? -15.398 10.878  -2.108  1.00 71.39  ?  32  ARG B CG  1 
ATOM   540 C  CD  . ARG B 1 32 ? -16.332 10.005  -3.025  1.00 71.39  ?  32  ARG B CD  1 
ATOM   541 N  NE  . ARG B 1 32 ? -16.053 8.577   -2.893  1.00 71.39  ?  32  ARG B NE  1 
ATOM   542 C  CZ  . ARG B 1 32 ? -14.981 7.988   -3.414  1.00 71.39  ?  32  ARG B CZ  1 
ATOM   543 N  NH1 . ARG B 1 32 ? -14.119 8.698   -4.117  1.00 71.39  ?  32  ARG B NH1 1 
ATOM   544 N  NH2 . ARG B 1 32 ? -14.769 6.694   -3.236  1.00 71.39  ?  32  ARG B NH2 1 
ATOM   545 N  N   . CYS B 1 33 ? -14.973 11.127  2.594   1.00 50.55  ?  33  CYS B N   1 
ATOM   546 C  CA  . CYS B 1 33 ? -15.458 11.131  3.970   1.00 50.55  ?  33  CYS B CA  1 
ATOM   547 C  C   . CYS B 1 33 ? -15.144 12.432  4.680   1.00 50.55  ?  33  CYS B C   1 
ATOM   548 O  O   . CYS B 1 33 ? -15.958 12.966  5.448   1.00 50.55  ?  33  CYS B O   1 
ATOM   549 C  CB  . CYS B 1 33 ? -14.853 9.978   4.762   1.00 149.81 ?  33  CYS B CB  1 
ATOM   550 S  SG  . CYS B 1 33 ? -15.605 8.399   4.374   1.00 149.81 ?  33  CYS B SG  1 
ATOM   551 N  N   . LYS B 1 34 ? -13.943 12.934  4.432   1.00 50.93  ?  34  LYS B N   1 
ATOM   552 C  CA  . LYS B 1 34 ? -13.464 14.099  5.148   1.00 50.93  ?  34  LYS B CA  1 
ATOM   553 C  C   . LYS B 1 34 ? -14.344 15.242  4.669   1.00 50.93  ?  34  LYS B C   1 
ATOM   554 O  O   . LYS B 1 34 ? -14.667 16.169  5.432   1.00 50.93  ?  34  LYS B O   1 
ATOM   555 C  CB  . LYS B 1 34 ? -11.949 14.352  4.924   1.00 52.41  ?  34  LYS B CB  1 
ATOM   556 C  CG  . LYS B 1 34 ? -11.485 15.687  5.538   1.00 52.41  ?  34  LYS B CG  1 
ATOM   557 C  CD  . LYS B 1 34 ? -10.018 16.047  5.276   1.00 52.41  ?  34  LYS B CD  1 
ATOM   558 C  CE  . LYS B 1 34 ? -9.784  17.570  5.485   1.00 52.41  ?  34  LYS B CE  1 
ATOM   559 N  NZ  . LYS B 1 34 ? -8.831  17.923  6.594   1.00 52.41  ?  34  LYS B NZ  1 
ATOM   560 N  N   . ASN B 1 35 ? -14.796 15.132  3.424   1.00 48.34  ?  35  ASN B N   1 
ATOM   561 C  CA  . ASN B 1 35 ? -15.654 16.168  2.879   1.00 48.34  ?  35  ASN B CA  1 
ATOM   562 C  C   . ASN B 1 35 ? -17.060 16.118  3.471   1.00 48.34  ?  35  ASN B C   1 
ATOM   563 O  O   . ASN B 1 35 ? -17.628 17.148  3.847   1.00 48.34  ?  35  ASN B O   1 
ATOM   564 C  CB  . ASN B 1 35 ? -15.719 16.101  1.363   1.00 56.02  ?  35  ASN B CB  1 
ATOM   565 C  CG  . ASN B 1 35 ? -16.921 16.835  0.813   1.00 56.02  ?  35  ASN B CG  1 
ATOM   566 O  OD1 . ASN B 1 35 ? -16.859 18.037  0.561   1.00 56.02  ?  35  ASN B OD1 1 
ATOM   567 N  ND2 . ASN B 1 35 ? -18.033 16.122  0.641   1.00 56.02  ?  35  ASN B ND2 1 
ATOM   568 N  N   . ILE B 1 36 ? -17.612 14.912  3.565   1.00 30.75  ?  36  ILE B N   1 
ATOM   569 C  CA  . ILE B 1 36 ? -18.935 14.709  4.153   1.00 30.75  ?  36  ILE B CA  1 
ATOM   570 C  C   . ILE B 1 36 ? -19.001 15.290  5.561   1.00 30.75  ?  36  ILE B C   1 
ATOM   571 O  O   . ILE B 1 36 ? -20.007 15.874  5.977   1.00 30.75  ?  36  ILE B O   1 
ATOM   572 C  CB  . ILE B 1 36 ? -19.246 13.221  4.229   1.00 22.93  ?  36  ILE B CB  1 
ATOM   573 C  CG1 . ILE B 1 36 ? -19.476 12.645  2.823   1.00 22.93  ?  36  ILE B CG1 1 
ATOM   574 C  CG2 . ILE B 1 36 ? -20.403 12.985  5.165   1.00 22.93  ?  36  ILE B CG2 1 
ATOM   575 C  CD1 . ILE B 1 36 ? -19.157 11.155  2.738   1.00 22.93  ?  36  ILE B CD1 1 
ATOM   576 N  N   . VAL B 1 37 ? -17.897 15.158  6.284   1.00 44.29  ?  37  VAL B N   1 
ATOM   577 C  CA  . VAL B 1 37 ? -17.826 15.713  7.620   1.00 44.29  ?  37  VAL B CA  1 
ATOM   578 C  C   . VAL B 1 37 ? -17.696 17.245  7.667   1.00 44.29  ?  37  VAL B C   1 
ATOM   579 O  O   . VAL B 1 37 ? -18.331 17.896  8.496   1.00 44.29  ?  37  VAL B O   1 
ATOM   580 C  CB  . VAL B 1 37 ? -16.737 15.038  8.402   1.00 32.02  ?  37  VAL B CB  1 
ATOM   581 C  CG1 . VAL B 1 37 ? -16.466 15.815  9.688   1.00 32.02  ?  37  VAL B CG1 1 
ATOM   582 C  CG2 . VAL B 1 37 ? -17.155 13.575  8.670   1.00 32.02  ?  37  VAL B CG2 1 
ATOM   583 N  N   . SER B 1 38 ? -16.916 17.834  6.768   1.00 73.02  ?  38  SER B N   1 
ATOM   584 C  CA  . SER B 1 38 ? -16.854 19.297  6.725   1.00 73.02  ?  38  SER B CA  1 
ATOM   585 C  C   . SER B 1 38 ? -17.056 19.898  5.331   1.00 73.02  ?  38  SER B C   1 
ATOM   586 O  O   . SER B 1 38 ? -18.137 20.396  4.990   1.00 73.02  ?  38  SER B O   1 
ATOM   587 C  CB  . SER B 1 38 ? -15.512 19.774  7.286   1.00 84.29  ?  38  SER B CB  1 
ATOM   588 O  OG  . SER B 1 38 ? -15.393 19.455  8.662   1.00 84.29  ?  38  SER B OG  1 
HETATM 589 C  C3  . 3CG C 2 .  ? -3.759  -8.891  0.813   1.00 193.05 ?  101 3CG A C3  1 
HETATM 590 C  C2  . 3CG C 2 .  ? -3.640  -8.694  -0.533  1.00 133.90 ?  101 3CG A C2  1 
HETATM 591 C  C7  . 3CG C 2 .  ? -4.532  -7.844  -1.166  1.00 104.41 ?  101 3CG A C7  1 
HETATM 592 C  C6  . 3CG C 2 .  ? -5.529  -7.217  -0.426  1.00 104.41 ?  101 3CG A C6  1 
HETATM 593 C  C4  . 3CG C 2 .  ? -4.746  -8.288  1.544   1.00 163.81 ?  101 3CG A C4  1 
HETATM 594 C  C14 . 3CG C 2 .  ? -2.326  -10.784 -1.106  1.00 104.41 ?  101 3CG A C14 1 
HETATM 595 C  C1  . 3CG C 2 .  ? -2.547  -9.426  -1.237  1.00 104.41 ?  101 3CG A C1  1 
HETATM 596 C  C5  . 3CG C 2 .  ? -5.647  -7.428  0.940   1.00 104.41 ?  101 3CG A C5  1 
HETATM 597 SB SB  . 3CG C 2 .  ? -4.748  -8.803  3.598   1.00 200.50 ?  101 3CG A SB  1 
HETATM 598 O  O9  . 3CG C 2 .  ? -4.931  -10.780 3.771   1.00 264.28 ?  101 3CG A O9  1 
HETATM 599 O  O10 . 3CG C 2 .  ? -3.015  -8.241  4.364   1.00 187.50 ?  101 3CG A O10 1 
HETATM 600 O  O11 . 3CG C 2 .  ? -6.351  -8.066  4.503   1.00 152.25 ?  101 3CG A O11 1 
HETATM 601 C  C15 . 3CG C 2 .  ? -2.549  -11.544 0.172   1.00 104.41 ?  101 3CG A C15 1 
HETATM 602 O  O16 . 3CG C 2 .  ? -1.728  -11.436 1.129   1.00 104.41 ?  101 3CG A O16 1 
HETATM 603 O  O17 . 3CG C 2 .  ? -3.575  -12.272 0.304   1.00 104.41 -1 101 3CG A O17 1 
HETATM 604 O  O   . HOH D 3 .  ? -3.109  -5.125  3.063   1.00 15.93  ?  201 HOH A O   1 
HETATM 605 O  O   . HOH D 3 .  ? -2.489  -12.351 3.499   1.00 3.60   ?  202 HOH A O   1 
HETATM 606 O  O   . HOH D 3 .  ? -5.354  -12.805 5.289   1.00 15.35  ?  203 HOH A O   1 
HETATM 607 O  O   . HOH D 3 .  ? -4.108  -15.143 0.621   1.00 17.49  ?  204 HOH A O   1 
HETATM 608 O  O   . HOH D 3 .  ? -5.570  -13.010 2.425   1.00 15.93  ?  205 HOH A O   1 
# 
_atom_site_anisotrop.id                   597 
_atom_site_anisotrop.type_symbol          SB 
_atom_site_anisotrop.pdbx_label_atom_id   SB 
_atom_site_anisotrop.pdbx_label_alt_id    . 
_atom_site_anisotrop.pdbx_label_comp_id   3CG 
_atom_site_anisotrop.pdbx_label_asym_id   C 
_atom_site_anisotrop.pdbx_label_seq_id    . 
_atom_site_anisotrop.pdbx_PDB_ins_code    ? 
_atom_site_anisotrop.U[1][1]              3.4683 
_atom_site_anisotrop.U[2][2]              1.6576 
_atom_site_anisotrop.U[3][3]              2.4920 
_atom_site_anisotrop.U[1][2]              -0.2512 
_atom_site_anisotrop.U[1][3]              0.0363 
_atom_site_anisotrop.U[2][3]              -0.2285 
_atom_site_anisotrop.pdbx_auth_seq_id     101 
_atom_site_anisotrop.pdbx_auth_comp_id    3CG 
_atom_site_anisotrop.pdbx_auth_asym_id    A 
_atom_site_anisotrop.pdbx_auth_atom_id    SB 
# 
